data_9DAK
#
_entry.id   9DAK
#
_cell.length_a   1.00
_cell.length_b   1.00
_cell.length_c   1.00
_cell.angle_alpha   90.00
_cell.angle_beta   90.00
_cell.angle_gamma   90.00
#
_symmetry.space_group_name_H-M   'P 1'
#
loop_
_entity.id
_entity.type
_entity.pdbx_description
1 polymer ACE2
2 polymer 'Spike glycoprotein receptor binding domain'
3 branched 2-acetamido-2-deoxy-beta-D-glucopyranose-(1-4)-[alpha-L-fucopyranose-(1-6)]2-acetamido-2-deoxy-beta-D-glucopyranose
4 branched 2-acetamido-2-deoxy-beta-D-glucopyranose-(1-4)-2-acetamido-2-deoxy-beta-D-glucopyranose
5 branched beta-D-mannopyranose-(1-4)-2-acetamido-2-deoxy-beta-D-glucopyranose-(1-4)-2-acetamido-2-deoxy-beta-D-glucopyranose
6 non-polymer 2-acetamido-2-deoxy-beta-D-glucopyranose
7 non-polymer 'ZINC ION'
8 water water
#
loop_
_entity_poly.entity_id
_entity_poly.type
_entity_poly.pdbx_seq_one_letter_code
_entity_poly.pdbx_strand_id
1 'polypeptide(L)'
;MGGEGLRASPRRRPLLPLQPRGCPRGDGCLRGGRGRAGFGFWRVTGGSRASANHVHAFFFFLQLLGNVLVIVLSHHFGKE
FATMPMGSLQPLATLYLLGMLVASVLAQSLTTEEKAREFLDKFNSEAENWSHESALASWDYNTNINDKNAQKMNEADSKW
SAFYKEHSKLAQGFPLQEIQNSTIKLQLQILQQNGSSVLTAEKSKRLSTILTTMSTIYSTGKVCNPNNPQQCFTLSGLED
IMEKSKDYHQRLWIWEGWRSEVGKQLRPLYEEYVALKNEMARGNNYKDYGDYWRGDYETEGGDGYNYSRNHLIEDVDRIF
LEIKPLYEQLHAYVRAKLMNAYPSRISPTGCLPAHLLGDMWGRFWTNLYNLTVPFEKKQNIDVTDTMKKQSWDAEKIFKE
AEKFYLSVGLHNMTPEFWNNSMLTEPSDGRQVVCHPTAWDLGKNDFRIKMCTKVTMDDFLTAHHEMGHIQYDMAYAKQPY
LLRNGANEGFHEAVGEIMSLSAATPKHLKDLGLLAQNYPEDYETEINFLLKQALNIVGTLPFTYMLEKWRWMVFEGKIPK
EQWMEKWWEMKREIVGVVEPLPHDETYCDPASLFHVANDYSFIRYFTRTILEFQFQEALCQIANHTGPLHKCDISNSTEA
GKQLKNMLELGKSKPWTFALEQIARTKEMDAKPLLNYFKPLFSWLKELNGNSVGWSADWSPYSEQSIKVRISLKSALGEK
AYEWNDNEMYLFRSSVAYAMRVYFLKVKNETIPFRAEDVWVSDEKIRVSFKFFVTSPTNVSDIIPRSEVEDAIRMSRGRI
NDAFRLDDKTLEFLGIQPTLGPPYQPPVTGTGGGSWSHPQFEKGGGSGGGSGGSAWSHPQFEKGGGGSDYKDHDGDYKDH
DIDYKDDDDKL
;
A
2 'polypeptide(L)'
;MGILPSPGMPALLSLVSLLSVLLMGCVAETGTYSVSSFEARPQGSFVESVYEGNECDFTKLFRGPVPQPYEFGRLVFTNC
NYNFTKLLSYFQVDAFECKKVTPESIATGCYSSLTVDWFAYRVADKSDLLPGSSSDLQRFNYKPTYAHPTCLISAYTDLS
ALGGSNPTNYTLLTNCYGCVGQPPKRTCLEEFPSFVEAGYRPKPSCARIGMQGHASGNETYTAVVTNNELDSVGDPIWRM
GVAQTKEPSVTDKAELAFFVSVQIDSQSSSVCPLGSPKLVPRGSSSGGSGLNDIFEAQKIEWHEGGSHHHHHHHH
;
B
#
# COMPACT_ATOMS: atom_id res chain seq x y z
N LEU A 110 -18.99 20.52 46.05
CA LEU A 110 -18.17 19.79 45.08
C LEU A 110 -17.27 20.75 44.29
N THR A 111 -16.16 20.21 43.77
CA THR A 111 -15.23 20.95 42.92
C THR A 111 -15.65 20.80 41.47
N THR A 112 -15.01 21.57 40.58
CA THR A 112 -15.36 21.51 39.16
C THR A 112 -15.16 20.12 38.59
N GLU A 113 -14.06 19.48 38.95
CA GLU A 113 -13.76 18.15 38.44
C GLU A 113 -14.81 17.14 38.85
N GLU A 114 -15.26 17.22 40.10
CA GLU A 114 -16.26 16.31 40.62
C GLU A 114 -17.60 16.52 39.91
N LYS A 115 -17.95 17.78 39.66
CA LYS A 115 -19.18 18.08 38.95
C LYS A 115 -19.11 17.60 37.50
N ALA A 116 -17.94 17.76 36.89
CA ALA A 116 -17.72 17.30 35.52
C ALA A 116 -17.86 15.79 35.49
N ARG A 117 -17.41 15.14 36.57
CA ARG A 117 -17.49 13.69 36.68
C ARG A 117 -18.94 13.23 36.62
N GLU A 118 -19.80 13.85 37.43
CA GLU A 118 -21.21 13.51 37.43
C GLU A 118 -21.90 13.79 36.10
N PHE A 119 -21.52 14.91 35.48
CA PHE A 119 -22.07 15.29 34.18
C PHE A 119 -21.80 14.22 33.13
N LEU A 120 -20.54 13.78 33.04
CA LEU A 120 -20.16 12.79 32.04
C LEU A 120 -20.81 11.44 32.29
N ASP A 121 -20.94 11.05 33.56
CA ASP A 121 -21.55 9.76 33.87
C ASP A 121 -22.99 9.72 33.39
N LYS A 122 -23.73 10.80 33.61
CA LYS A 122 -25.12 10.86 33.17
C LYS A 122 -25.20 10.90 31.65
N PHE A 123 -24.34 11.69 31.03
CA PHE A 123 -24.31 11.80 29.58
C PHE A 123 -24.06 10.46 28.92
N ASN A 124 -23.04 9.76 29.38
CA ASN A 124 -22.63 8.51 28.76
C ASN A 124 -23.74 7.46 28.84
N SER A 125 -24.47 7.44 29.94
CA SER A 125 -25.56 6.48 30.09
C SER A 125 -26.67 6.75 29.06
N GLU A 126 -27.08 8.01 28.96
CA GLU A 126 -28.13 8.38 28.02
C GLU A 126 -27.66 8.27 26.58
N ALA A 127 -26.41 8.62 26.34
CA ALA A 127 -25.86 8.60 24.99
C ALA A 127 -25.89 7.19 24.42
N GLU A 128 -25.64 6.20 25.26
CA GLU A 128 -25.68 4.81 24.82
C GLU A 128 -27.08 4.42 24.39
N ASN A 129 -28.08 4.84 25.17
CA ASN A 129 -29.47 4.52 24.85
C ASN A 129 -29.90 5.13 23.52
N TRP A 130 -29.60 6.41 23.33
CA TRP A 130 -30.02 7.11 22.12
C TRP A 130 -29.28 6.62 20.89
N SER A 131 -27.98 6.37 21.05
CA SER A 131 -27.16 5.89 19.95
C SER A 131 -27.64 4.54 19.45
N HIS A 132 -28.05 3.68 20.39
CA HIS A 132 -28.56 2.37 20.05
C HIS A 132 -29.79 2.44 19.15
N GLU A 133 -30.74 3.32 19.52
CA GLU A 133 -31.96 3.44 18.74
C GLU A 133 -31.69 3.94 17.32
N SER A 134 -30.74 4.85 17.20
CA SER A 134 -30.32 5.34 15.89
C SER A 134 -29.72 4.22 15.06
N ALA A 135 -28.82 3.44 15.68
CA ALA A 135 -28.15 2.35 14.98
C ALA A 135 -29.13 1.31 14.49
N LEU A 136 -30.14 1.00 15.30
CA LEU A 136 -31.14 0.01 14.90
C LEU A 136 -31.94 0.48 13.70
N ALA A 137 -32.35 1.74 13.71
CA ALA A 137 -33.14 2.26 12.60
C ALA A 137 -32.33 2.26 11.31
N SER A 138 -31.05 2.61 11.42
CA SER A 138 -30.18 2.63 10.25
C SER A 138 -29.99 1.22 9.70
N TRP A 139 -29.78 0.26 10.59
CA TRP A 139 -29.64 -1.13 10.19
C TRP A 139 -30.86 -1.61 9.40
N ASP A 140 -32.04 -1.37 9.96
CA ASP A 140 -33.27 -1.85 9.33
C ASP A 140 -33.42 -1.30 7.92
N TYR A 141 -33.04 -0.04 7.72
CA TYR A 141 -33.08 0.56 6.41
C TYR A 141 -32.12 -0.11 5.44
N ASN A 142 -30.87 -0.27 5.85
CA ASN A 142 -29.83 -0.81 4.97
C ASN A 142 -30.08 -2.25 4.56
N THR A 143 -30.80 -3.00 5.38
CA THR A 143 -31.11 -4.40 5.08
C THR A 143 -32.53 -4.57 4.54
N ASN A 144 -33.23 -3.46 4.33
CA ASN A 144 -34.60 -3.47 3.81
C ASN A 144 -34.99 -2.08 3.34
N ILE A 145 -34.58 -1.71 2.13
CA ILE A 145 -34.71 -0.33 1.68
C ILE A 145 -36.11 -0.01 1.17
N ASN A 146 -36.77 0.92 1.86
CA ASN A 146 -38.08 1.42 1.47
C ASN A 146 -38.35 2.76 2.14
N ASP A 147 -39.51 3.35 1.86
CA ASP A 147 -39.83 4.68 2.37
C ASP A 147 -40.12 4.69 3.87
N LYS A 148 -40.73 3.64 4.37
CA LYS A 148 -41.09 3.59 5.79
C LYS A 148 -39.85 3.55 6.66
N ASN A 149 -38.86 2.75 6.25
CA ASN A 149 -37.64 2.63 7.01
C ASN A 149 -36.78 3.88 6.90
N ALA A 150 -36.83 4.54 5.73
CA ALA A 150 -36.08 5.77 5.57
C ALA A 150 -36.59 6.83 6.53
N GLN A 151 -37.91 6.86 6.73
CA GLN A 151 -38.51 7.83 7.63
C GLN A 151 -38.12 7.57 9.07
N LYS A 152 -38.14 6.30 9.49
CA LYS A 152 -37.79 5.96 10.85
C LYS A 152 -36.33 6.30 11.13
N MET A 153 -35.47 6.06 10.16
CA MET A 153 -34.06 6.35 10.27
C MET A 153 -33.83 7.84 10.48
N ASN A 154 -34.48 8.67 9.67
CA ASN A 154 -34.31 10.11 9.76
C ASN A 154 -34.79 10.66 11.09
N GLU A 155 -35.88 10.10 11.61
CA GLU A 155 -36.42 10.55 12.88
C GLU A 155 -35.50 10.19 14.04
N ALA A 156 -34.94 8.99 14.01
CA ALA A 156 -34.04 8.54 15.07
C ALA A 156 -32.78 9.38 15.11
N ASP A 157 -32.28 9.77 13.94
CA ASP A 157 -31.08 10.59 13.85
C ASP A 157 -31.34 12.00 14.36
N SER A 158 -32.54 12.52 14.10
CA SER A 158 -32.90 13.84 14.57
C SER A 158 -32.87 13.90 16.09
N LYS A 159 -33.43 12.88 16.74
CA LYS A 159 -33.44 12.82 18.19
C LYS A 159 -32.02 12.76 18.76
N TRP A 160 -31.16 11.96 18.13
CA TRP A 160 -29.77 11.88 18.55
C TRP A 160 -29.06 13.22 18.47
N SER A 161 -29.24 13.92 17.35
CA SER A 161 -28.59 15.19 17.15
C SER A 161 -29.04 16.23 18.17
N ALA A 162 -30.34 16.25 18.47
CA ALA A 162 -30.86 17.20 19.44
C ALA A 162 -30.26 16.94 20.81
N PHE A 163 -30.17 15.67 21.19
CA PHE A 163 -29.58 15.27 22.45
C PHE A 163 -28.13 15.73 22.57
N TYR A 164 -27.33 15.38 21.57
CA TYR A 164 -25.91 15.67 21.60
C TYR A 164 -25.66 17.17 21.70
N LYS A 165 -26.39 17.96 20.93
CA LYS A 165 -26.20 19.41 20.91
C LYS A 165 -26.52 20.04 22.26
N GLU A 166 -27.55 19.57 22.94
CA GLU A 166 -27.89 20.13 24.24
C GLU A 166 -26.76 19.93 25.24
N HIS A 167 -26.20 18.72 25.28
CA HIS A 167 -25.14 18.41 26.22
C HIS A 167 -23.82 19.04 25.81
N SER A 168 -23.62 19.25 24.52
CA SER A 168 -22.43 19.95 24.05
C SER A 168 -22.40 21.35 24.65
N LYS A 169 -23.54 22.04 24.62
CA LYS A 169 -23.64 23.36 25.21
C LYS A 169 -23.39 23.34 26.72
N LEU A 170 -23.94 22.34 27.40
CA LEU A 170 -23.77 22.23 28.85
C LEU A 170 -22.31 22.00 29.22
N ALA A 171 -21.59 21.27 28.37
CA ALA A 171 -20.19 20.94 28.61
C ALA A 171 -19.30 22.18 28.68
N GLN A 172 -19.82 23.31 28.20
CA GLN A 172 -19.04 24.55 28.16
C GLN A 172 -18.88 25.12 29.56
N GLY A 173 -19.63 24.58 30.51
CA GLY A 173 -19.62 25.06 31.88
C GLY A 173 -18.53 24.41 32.73
N PHE A 174 -17.66 23.62 32.09
CA PHE A 174 -16.59 22.93 32.80
C PHE A 174 -15.22 23.24 32.19
N PRO A 175 -14.56 24.32 32.63
CA PRO A 175 -13.28 24.79 32.16
C PRO A 175 -12.24 23.68 32.25
N LEU A 176 -11.45 23.52 31.19
CA LEU A 176 -10.48 22.44 31.12
C LEU A 176 -9.28 22.73 31.99
N GLN A 177 -9.10 24.01 32.31
CA GLN A 177 -7.96 24.45 33.12
C GLN A 177 -8.09 23.98 34.55
N GLU A 178 -9.29 23.60 34.95
CA GLU A 178 -9.56 23.17 36.32
C GLU A 178 -9.68 21.66 36.43
N ILE A 179 -9.39 20.95 35.33
CA ILE A 179 -9.47 19.49 35.34
C ILE A 179 -8.07 18.89 35.35
N GLN A 180 -7.82 17.99 36.30
CA GLN A 180 -6.52 17.31 36.40
C GLN A 180 -6.57 15.87 35.89
N ASN A 181 -7.75 15.26 35.96
CA ASN A 181 -8.01 13.91 35.50
C ASN A 181 -8.08 13.87 33.98
N SER A 182 -7.12 13.17 33.34
CA SER A 182 -6.98 13.16 31.89
C SER A 182 -8.14 12.47 31.18
N THR A 183 -8.77 11.50 31.84
CA THR A 183 -9.92 10.82 31.25
C THR A 183 -11.08 11.80 31.10
N ILE A 184 -11.33 12.58 32.16
CA ILE A 184 -12.40 13.56 32.15
C ILE A 184 -12.10 14.70 31.18
N LYS A 185 -10.87 15.20 31.23
CA LYS A 185 -10.47 16.29 30.36
C LYS A 185 -10.66 15.94 28.90
N LEU A 186 -10.27 14.72 28.53
CA LEU A 186 -10.37 14.28 27.15
C LEU A 186 -11.82 14.21 26.67
N GLN A 187 -12.72 13.70 27.51
CA GLN A 187 -14.12 13.62 27.14
C GLN A 187 -14.75 15.01 26.99
N LEU A 188 -14.37 15.93 27.86
CA LEU A 188 -14.89 17.29 27.78
C LEU A 188 -14.41 17.99 26.51
N GLN A 189 -13.16 17.73 26.13
CA GLN A 189 -12.62 18.35 24.92
C GLN A 189 -13.40 17.93 23.69
N ILE A 190 -13.87 16.68 23.70
CA ILE A 190 -14.66 16.16 22.59
C ILE A 190 -16.01 16.85 22.49
N LEU A 191 -16.67 17.03 23.63
CA LEU A 191 -17.99 17.64 23.69
C LEU A 191 -17.98 19.16 23.46
N GLN A 192 -16.91 19.82 23.86
CA GLN A 192 -16.88 21.29 23.81
C GLN A 192 -16.59 21.89 22.45
N GLN A 193 -16.31 21.06 21.45
CA GLN A 193 -16.01 21.58 20.11
C GLN A 193 -17.20 22.35 19.53
N ASN A 194 -16.95 23.55 18.99
CA ASN A 194 -18.00 24.40 18.41
C ASN A 194 -18.24 24.10 16.93
N GLY A 195 -17.16 24.00 16.16
CA GLY A 195 -17.26 23.74 14.72
C GLY A 195 -17.92 24.87 13.94
N SER A 196 -18.90 24.53 13.13
CA SER A 196 -19.55 25.49 12.23
C SER A 196 -20.34 26.55 12.96
N SER A 197 -20.66 26.31 14.24
CA SER A 197 -21.50 27.23 15.01
C SER A 197 -20.81 28.57 15.27
N VAL A 198 -19.52 28.66 14.96
CA VAL A 198 -18.79 29.90 15.14
C VAL A 198 -19.12 30.92 14.05
N LEU A 199 -19.75 30.44 12.97
CA LEU A 199 -20.11 31.29 11.84
C LEU A 199 -21.48 31.92 12.06
N THR A 200 -21.73 33.04 11.39
CA THR A 200 -23.04 33.66 11.44
C THR A 200 -24.03 32.82 10.66
N ALA A 201 -25.32 33.08 10.84
CA ALA A 201 -26.35 32.26 10.20
C ALA A 201 -26.21 32.25 8.69
N GLU A 202 -25.85 33.39 8.11
CA GLU A 202 -25.75 33.51 6.66
C GLU A 202 -24.59 32.69 6.12
N LYS A 203 -23.45 32.76 6.79
CA LYS A 203 -22.26 32.03 6.36
C LYS A 203 -22.38 30.55 6.61
N SER A 204 -23.04 30.16 7.70
CA SER A 204 -23.23 28.76 8.00
C SER A 204 -24.14 28.12 6.95
N LYS A 205 -25.23 28.83 6.60
CA LYS A 205 -26.15 28.36 5.59
C LYS A 205 -25.50 28.29 4.22
N ARG A 206 -24.68 29.28 3.90
CA ARG A 206 -24.02 29.34 2.60
C ARG A 206 -23.02 28.20 2.44
N LEU A 207 -22.27 27.91 3.50
CA LEU A 207 -21.30 26.83 3.43
C LEU A 207 -21.98 25.50 3.20
N SER A 208 -23.09 25.27 3.89
CA SER A 208 -23.84 24.04 3.72
C SER A 208 -24.32 23.88 2.29
N THR A 209 -24.80 24.98 1.70
CA THR A 209 -25.28 24.99 0.33
C THR A 209 -24.17 24.63 -0.65
N ILE A 210 -22.99 25.20 -0.45
CA ILE A 210 -21.86 24.96 -1.33
C ILE A 210 -21.43 23.49 -1.29
N LEU A 211 -21.37 22.92 -0.11
CA LEU A 211 -20.97 21.53 0.04
C LEU A 211 -21.94 20.60 -0.67
N THR A 212 -23.23 20.88 -0.55
CA THR A 212 -24.24 20.09 -1.23
C THR A 212 -24.09 20.21 -2.74
N THR A 213 -23.84 21.42 -3.21
CA THR A 213 -23.72 21.68 -4.64
C THR A 213 -22.53 20.95 -5.25
N MET A 214 -21.37 20.99 -4.58
CA MET A 214 -20.19 20.34 -5.12
C MET A 214 -20.40 18.83 -5.22
N SER A 215 -21.03 18.25 -4.21
CA SER A 215 -21.30 16.81 -4.21
C SER A 215 -22.20 16.42 -5.37
N THR A 216 -23.25 17.23 -5.59
CA THR A 216 -24.20 16.95 -6.66
C THR A 216 -23.53 17.04 -8.03
N ILE A 217 -22.70 18.05 -8.25
CA ILE A 217 -22.04 18.22 -9.54
C ILE A 217 -21.16 17.02 -9.85
N TYR A 218 -20.41 16.58 -8.85
CA TYR A 218 -19.53 15.43 -9.01
C TYR A 218 -20.31 14.18 -9.43
N SER A 219 -21.36 13.85 -8.68
CA SER A 219 -22.07 12.59 -8.86
C SER A 219 -22.93 12.54 -10.12
N THR A 220 -23.30 13.70 -10.67
CA THR A 220 -24.16 13.71 -11.85
C THR A 220 -23.43 14.16 -13.10
N GLY A 221 -22.10 14.19 -13.05
CA GLY A 221 -21.32 14.65 -14.19
C GLY A 221 -21.30 13.64 -15.33
N LYS A 222 -21.32 14.14 -16.56
CA LYS A 222 -21.20 13.29 -17.74
C LYS A 222 -20.15 13.80 -18.70
N VAL A 223 -19.57 12.88 -19.44
CA VAL A 223 -18.64 13.18 -20.52
C VAL A 223 -19.11 12.52 -21.80
N CYS A 224 -19.23 13.29 -22.88
CA CYS A 224 -19.75 12.80 -24.16
C CYS A 224 -18.66 12.62 -25.17
N ASN A 225 -18.65 11.50 -25.87
CA ASN A 225 -17.68 11.19 -26.89
C ASN A 225 -17.65 12.29 -27.94
N PRO A 226 -16.51 12.97 -28.14
CA PRO A 226 -16.35 14.12 -28.99
C PRO A 226 -16.62 13.80 -30.47
N ASN A 227 -16.63 12.53 -30.81
CA ASN A 227 -16.91 12.12 -32.18
C ASN A 227 -18.20 11.29 -32.28
N ASN A 228 -19.00 11.34 -31.22
CA ASN A 228 -20.27 10.64 -31.15
C ASN A 228 -21.13 11.24 -30.05
N PRO A 229 -21.80 12.37 -30.31
CA PRO A 229 -22.52 13.21 -29.39
C PRO A 229 -23.63 12.47 -28.64
N GLN A 230 -24.05 11.33 -29.17
CA GLN A 230 -25.12 10.55 -28.55
C GLN A 230 -24.60 9.49 -27.60
N GLN A 231 -23.28 9.40 -27.46
CA GLN A 231 -22.68 8.43 -26.56
C GLN A 231 -22.06 9.11 -25.34
N CYS A 232 -22.84 9.17 -24.26
CA CYS A 232 -22.44 9.87 -23.03
C CYS A 232 -22.36 8.89 -21.88
N PHE A 233 -21.37 9.07 -21.02
CA PHE A 233 -21.21 8.19 -19.87
C PHE A 233 -21.20 8.96 -18.56
N THR A 234 -21.73 8.32 -17.54
CA THR A 234 -21.65 8.82 -16.17
C THR A 234 -20.32 8.41 -15.58
N LEU A 235 -19.99 8.94 -14.41
CA LEU A 235 -18.69 8.64 -13.83
C LEU A 235 -18.45 7.14 -13.69
N SER A 236 -19.49 6.39 -13.32
CA SER A 236 -19.34 4.95 -13.15
C SER A 236 -18.94 4.28 -14.47
N GLY A 237 -19.51 4.77 -15.57
CA GLY A 237 -19.20 4.23 -16.90
C GLY A 237 -17.78 4.61 -17.30
N LEU A 238 -17.41 5.86 -17.01
CA LEU A 238 -16.09 6.36 -17.39
C LEU A 238 -15.01 5.63 -16.62
N GLU A 239 -15.26 5.34 -15.34
CA GLU A 239 -14.30 4.60 -14.53
C GLU A 239 -14.13 3.19 -15.05
N ASP A 240 -15.23 2.56 -15.46
CA ASP A 240 -15.19 1.21 -15.97
C ASP A 240 -14.30 1.12 -17.21
N ILE A 241 -14.37 2.15 -18.06
CA ILE A 241 -13.55 2.20 -19.26
C ILE A 241 -12.08 2.44 -18.92
N MET A 242 -11.81 3.40 -18.03
CA MET A 242 -10.43 3.74 -17.69
C MET A 242 -9.70 2.56 -17.06
N GLU A 243 -10.42 1.72 -16.34
CA GLU A 243 -9.80 0.57 -15.70
C GLU A 243 -9.38 -0.53 -16.67
N LYS A 244 -9.92 -0.53 -17.88
CA LYS A 244 -9.65 -1.63 -18.82
C LYS A 244 -9.07 -1.21 -20.16
N SER A 245 -9.41 -0.01 -20.64
CA SER A 245 -9.03 0.41 -21.99
C SER A 245 -7.52 0.52 -22.16
N LYS A 246 -7.03 0.06 -23.31
CA LYS A 246 -5.62 0.20 -23.67
C LYS A 246 -5.46 1.10 -24.89
N ASP A 247 -6.50 1.85 -25.22
CA ASP A 247 -6.48 2.74 -26.37
C ASP A 247 -6.06 4.15 -25.96
N TYR A 248 -4.93 4.61 -26.49
CA TYR A 248 -4.38 5.90 -26.10
C TYR A 248 -5.38 7.03 -26.28
N HIS A 249 -6.03 7.06 -27.45
CA HIS A 249 -6.97 8.14 -27.77
C HIS A 249 -8.19 8.11 -26.87
N GLN A 250 -8.80 6.95 -26.70
CA GLN A 250 -10.01 6.85 -25.90
C GLN A 250 -9.75 7.30 -24.48
N ARG A 251 -8.62 6.88 -23.93
CA ARG A 251 -8.28 7.22 -22.57
C ARG A 251 -8.08 8.73 -22.43
N LEU A 252 -7.54 9.37 -23.47
CA LEU A 252 -7.25 10.79 -23.40
C LEU A 252 -8.50 11.66 -23.41
N TRP A 253 -9.48 11.37 -24.28
CA TRP A 253 -10.65 12.25 -24.29
C TRP A 253 -11.51 12.04 -23.05
N ILE A 254 -11.42 10.88 -22.43
CA ILE A 254 -12.09 10.65 -21.17
C ILE A 254 -11.41 11.42 -20.04
N TRP A 255 -10.09 11.35 -19.99
CA TRP A 255 -9.32 12.04 -18.96
C TRP A 255 -9.55 13.55 -19.03
N GLU A 256 -9.40 14.11 -20.22
CA GLU A 256 -9.56 15.54 -20.44
C GLU A 256 -11.01 15.96 -20.29
N GLY A 257 -11.93 15.13 -20.77
CA GLY A 257 -13.35 15.45 -20.71
C GLY A 257 -13.81 15.64 -19.27
N TRP A 258 -13.45 14.71 -18.39
CA TRP A 258 -13.86 14.82 -17.00
C TRP A 258 -13.34 16.11 -16.37
N ARG A 259 -12.08 16.45 -16.62
CA ARG A 259 -11.47 17.65 -16.06
C ARG A 259 -12.13 18.93 -16.57
N SER A 260 -12.55 18.93 -17.83
CA SER A 260 -13.17 20.12 -18.41
C SER A 260 -14.65 20.25 -18.07
N GLU A 261 -15.36 19.13 -18.09
CA GLU A 261 -16.81 19.16 -17.90
C GLU A 261 -17.21 19.35 -16.44
N VAL A 262 -16.46 18.74 -15.53
CA VAL A 262 -16.78 18.81 -14.11
C VAL A 262 -15.85 19.75 -13.37
N GLY A 263 -14.55 19.63 -13.64
CA GLY A 263 -13.56 20.41 -12.93
C GLY A 263 -13.79 21.92 -13.05
N LYS A 264 -14.30 22.36 -14.19
CA LYS A 264 -14.52 23.79 -14.43
C LYS A 264 -15.79 24.31 -13.76
N GLN A 265 -16.63 23.41 -13.29
CA GLN A 265 -17.84 23.82 -12.59
C GLN A 265 -17.54 23.98 -11.11
N LEU A 266 -16.59 23.19 -10.62
CA LEU A 266 -16.24 23.18 -9.22
C LEU A 266 -15.25 24.28 -8.87
N ARG A 267 -14.46 24.72 -9.83
CA ARG A 267 -13.46 25.75 -9.57
C ARG A 267 -13.95 26.91 -8.67
N PRO A 268 -15.00 27.68 -9.06
CA PRO A 268 -15.50 28.83 -8.33
C PRO A 268 -16.13 28.45 -6.99
N LEU A 269 -16.61 27.22 -6.87
CA LEU A 269 -17.20 26.78 -5.62
C LEU A 269 -16.13 26.42 -4.62
N TYR A 270 -15.01 25.90 -5.13
CA TYR A 270 -13.91 25.51 -4.28
C TYR A 270 -13.25 26.75 -3.70
N GLU A 271 -13.18 27.82 -4.49
CA GLU A 271 -12.59 29.06 -4.01
C GLU A 271 -13.36 29.65 -2.84
N GLU A 272 -14.69 29.65 -2.93
CA GLU A 272 -15.52 30.16 -1.85
C GLU A 272 -15.48 29.22 -0.65
N TYR A 273 -15.46 27.92 -0.94
CA TYR A 273 -15.36 26.89 0.08
C TYR A 273 -14.14 27.10 0.97
N VAL A 274 -12.97 27.31 0.35
CA VAL A 274 -11.74 27.50 1.11
C VAL A 274 -11.84 28.70 2.05
N ALA A 275 -12.38 29.82 1.55
CA ALA A 275 -12.49 31.02 2.37
C ALA A 275 -13.38 30.78 3.59
N LEU A 276 -14.50 30.09 3.40
CA LEU A 276 -15.44 29.84 4.49
C LEU A 276 -14.91 28.86 5.52
N LYS A 277 -14.21 27.81 5.06
CA LYS A 277 -13.69 26.82 5.99
C LYS A 277 -12.57 27.40 6.84
N ASN A 278 -11.77 28.29 6.27
CA ASN A 278 -10.72 28.94 7.03
C ASN A 278 -11.28 29.85 8.11
N GLU A 279 -12.36 30.57 7.81
CA GLU A 279 -12.98 31.42 8.81
C GLU A 279 -13.51 30.59 9.97
N MET A 280 -14.12 29.45 9.65
CA MET A 280 -14.61 28.54 10.67
C MET A 280 -13.46 28.09 11.57
N ALA A 281 -12.37 27.64 10.95
CA ALA A 281 -11.23 27.13 11.70
C ALA A 281 -10.67 28.19 12.64
N ARG A 282 -10.61 29.43 12.18
CA ARG A 282 -10.13 30.52 13.02
C ARG A 282 -11.05 30.76 14.21
N GLY A 283 -12.36 30.59 14.00
CA GLY A 283 -13.34 30.75 15.05
C GLY A 283 -13.17 29.68 16.13
N ASN A 284 -12.52 28.58 15.77
CA ASN A 284 -12.23 27.48 16.69
C ASN A 284 -10.78 27.52 17.17
N ASN A 285 -10.15 28.69 17.02
CA ASN A 285 -8.77 28.92 17.47
C ASN A 285 -7.72 28.08 16.76
N TYR A 286 -7.90 27.87 15.46
CA TYR A 286 -6.89 27.24 14.63
C TYR A 286 -6.31 28.24 13.64
N LYS A 287 -5.11 28.00 13.16
CA LYS A 287 -4.50 28.91 12.19
C LYS A 287 -5.30 28.93 10.89
N ASP A 288 -5.70 27.75 10.44
CA ASP A 288 -6.46 27.58 9.21
C ASP A 288 -7.12 26.21 9.20
N TYR A 289 -7.83 25.89 8.12
CA TYR A 289 -8.53 24.62 8.03
C TYR A 289 -7.59 23.42 7.93
N GLY A 290 -6.38 23.63 7.42
CA GLY A 290 -5.40 22.55 7.33
C GLY A 290 -4.94 22.20 8.74
N ASP A 291 -4.71 23.23 9.53
CA ASP A 291 -4.33 23.11 10.94
C ASP A 291 -5.44 22.43 11.73
N TYR A 292 -6.68 22.71 11.35
CA TYR A 292 -7.84 22.10 11.96
C TYR A 292 -7.82 20.58 11.77
N TRP A 293 -7.65 20.15 10.52
CA TRP A 293 -7.61 18.72 10.20
C TRP A 293 -6.44 17.99 10.87
N ARG A 294 -5.30 18.65 10.96
CA ARG A 294 -4.11 18.02 11.53
C ARG A 294 -4.26 17.79 13.04
N GLY A 295 -5.32 18.34 13.62
CA GLY A 295 -5.58 18.20 15.05
C GLY A 295 -5.99 16.78 15.39
N ASP A 296 -6.32 15.99 14.39
CA ASP A 296 -6.78 14.62 14.59
C ASP A 296 -5.64 13.71 15.05
N TYR A 297 -4.40 14.18 14.94
CA TYR A 297 -3.24 13.42 15.39
C TYR A 297 -2.60 14.03 16.63
N GLU A 298 -3.24 15.08 17.16
CA GLU A 298 -2.67 15.79 18.29
C GLU A 298 -2.95 15.10 19.62
N THR A 299 -1.92 14.96 20.43
CA THR A 299 -2.07 14.40 21.77
C THR A 299 -1.21 15.15 22.77
N GLU A 300 -1.52 14.98 24.05
CA GLU A 300 -0.72 15.58 25.11
C GLU A 300 -0.44 14.59 26.21
N GLY A 301 0.67 14.79 26.92
CA GLY A 301 1.03 13.92 28.04
C GLY A 301 2.50 14.09 28.40
N GLY A 302 2.98 13.25 29.31
CA GLY A 302 4.36 13.34 29.78
C GLY A 302 5.31 12.58 28.87
N ASP A 303 6.56 12.47 29.29
CA ASP A 303 7.57 11.77 28.51
C ASP A 303 7.59 12.24 27.06
N GLY A 304 7.61 11.29 26.14
CA GLY A 304 7.57 11.60 24.71
C GLY A 304 6.20 11.29 24.12
N TYR A 305 5.17 11.26 24.96
CA TYR A 305 3.83 10.88 24.51
C TYR A 305 3.02 12.05 23.92
N ASN A 306 3.60 13.25 23.91
CA ASN A 306 2.96 14.43 23.31
C ASN A 306 3.28 14.53 21.85
N TYR A 307 2.35 15.01 21.04
CA TYR A 307 2.49 15.15 19.60
C TYR A 307 1.80 16.42 19.11
N SER A 308 2.59 17.40 18.68
CA SER A 308 2.01 18.65 18.20
C SER A 308 1.51 18.51 16.78
N ARG A 309 0.66 19.45 16.37
CA ARG A 309 0.10 19.43 15.03
C ARG A 309 1.16 19.63 13.96
N ASN A 310 2.15 20.47 14.27
CA ASN A 310 3.23 20.79 13.33
C ASN A 310 4.13 19.59 13.08
N HIS A 311 4.15 18.66 14.03
CA HIS A 311 5.04 17.51 13.95
C HIS A 311 4.57 16.55 12.87
N LEU A 312 3.28 16.59 12.56
CA LEU A 312 2.73 15.69 11.57
C LEU A 312 3.34 15.97 10.21
N ILE A 313 3.58 17.25 9.93
CA ILE A 313 4.16 17.65 8.66
C ILE A 313 5.59 17.13 8.55
N GLU A 314 6.35 17.28 9.63
CA GLU A 314 7.73 16.82 9.63
C GLU A 314 7.81 15.30 9.44
N ASP A 315 6.90 14.56 10.08
CA ASP A 315 6.92 13.12 9.97
C ASP A 315 6.52 12.59 8.59
N VAL A 316 5.53 13.21 7.95
CA VAL A 316 5.15 12.71 6.63
C VAL A 316 6.23 13.00 5.60
N ASP A 317 6.94 14.11 5.77
CA ASP A 317 8.03 14.45 4.85
C ASP A 317 9.20 13.48 5.04
N ARG A 318 9.51 13.18 6.30
CA ARG A 318 10.58 12.26 6.63
C ARG A 318 10.29 10.86 6.08
N ILE A 319 9.06 10.40 6.30
CA ILE A 319 8.66 9.08 5.82
C ILE A 319 8.67 9.02 4.30
N PHE A 320 8.16 10.05 3.65
CA PHE A 320 8.14 10.05 2.19
C PHE A 320 9.53 9.84 1.62
N LEU A 321 10.52 10.56 2.14
CA LEU A 321 11.87 10.46 1.63
C LEU A 321 12.46 9.06 1.82
N GLU A 322 12.07 8.38 2.90
CA GLU A 322 12.53 7.01 3.14
C GLU A 322 11.93 6.03 2.12
N ILE A 323 10.68 6.28 1.74
CA ILE A 323 9.97 5.44 0.79
C ILE A 323 10.45 5.66 -0.65
N LYS A 324 10.73 6.92 -0.97
CA LYS A 324 11.03 7.34 -2.34
C LYS A 324 11.93 6.39 -3.15
N PRO A 325 13.08 5.92 -2.65
CA PRO A 325 14.01 5.04 -3.35
C PRO A 325 13.34 3.76 -3.86
N LEU A 326 12.29 3.31 -3.19
CA LEU A 326 11.55 2.13 -3.61
C LEU A 326 10.61 2.49 -4.74
N TYR A 327 9.95 3.63 -4.58
CA TYR A 327 9.02 4.12 -5.58
C TYR A 327 9.70 4.35 -6.92
N GLU A 328 10.91 4.90 -6.89
CA GLU A 328 11.66 5.17 -8.11
C GLU A 328 11.96 3.89 -8.89
N GLN A 329 12.20 2.79 -8.19
CA GLN A 329 12.47 1.53 -8.85
C GLN A 329 11.21 0.97 -9.51
N LEU A 330 10.09 1.13 -8.82
CA LEU A 330 8.80 0.67 -9.34
C LEU A 330 8.40 1.54 -10.54
N HIS A 331 8.65 2.83 -10.42
CA HIS A 331 8.33 3.81 -11.45
C HIS A 331 9.08 3.50 -12.74
N ALA A 332 10.38 3.27 -12.63
CA ALA A 332 11.21 2.97 -13.79
C ALA A 332 10.77 1.68 -14.47
N TYR A 333 10.41 0.68 -13.67
CA TYR A 333 9.96 -0.59 -14.19
C TYR A 333 8.68 -0.45 -14.98
N VAL A 334 7.71 0.25 -14.41
CA VAL A 334 6.43 0.47 -15.07
C VAL A 334 6.62 1.27 -16.35
N ARG A 335 7.47 2.28 -16.32
CA ARG A 335 7.75 3.09 -17.50
C ARG A 335 8.26 2.24 -18.65
N ALA A 336 9.19 1.34 -18.36
CA ALA A 336 9.76 0.46 -19.37
C ALA A 336 8.71 -0.42 -20.02
N LYS A 337 7.72 -0.86 -19.23
CA LYS A 337 6.66 -1.71 -19.73
C LYS A 337 5.63 -0.93 -20.56
N LEU A 338 5.29 0.27 -20.10
CA LEU A 338 4.32 1.08 -20.81
C LEU A 338 4.85 1.53 -22.16
N MET A 339 6.17 1.66 -22.28
CA MET A 339 6.78 2.03 -23.56
C MET A 339 6.51 0.99 -24.64
N ASN A 340 6.22 -0.25 -24.24
CA ASN A 340 5.91 -1.29 -25.21
C ASN A 340 4.43 -1.29 -25.52
N ALA A 341 3.62 -0.97 -24.51
CA ALA A 341 2.18 -0.89 -24.67
C ALA A 341 1.78 0.30 -25.52
N TYR A 342 2.53 1.40 -25.40
CA TYR A 342 2.25 2.62 -26.14
C TYR A 342 3.50 3.17 -26.82
N PRO A 343 3.94 2.57 -27.94
CA PRO A 343 5.16 2.87 -28.65
C PRO A 343 5.21 4.33 -29.07
N SER A 344 6.38 4.95 -28.86
CA SER A 344 6.64 6.33 -29.27
C SER A 344 5.81 7.38 -28.51
N ARG A 345 5.11 6.96 -27.47
CA ARG A 345 4.33 7.90 -26.67
C ARG A 345 5.04 8.30 -25.38
N ILE A 346 5.91 7.43 -24.91
CA ILE A 346 6.55 7.63 -23.61
C ILE A 346 8.06 7.74 -23.75
N SER A 347 8.61 8.79 -23.15
CA SER A 347 10.05 9.01 -23.14
C SER A 347 10.72 8.24 -22.01
N PRO A 348 11.82 7.52 -22.29
CA PRO A 348 12.52 6.60 -21.41
C PRO A 348 13.11 7.26 -20.17
N THR A 349 13.27 8.58 -20.20
CA THR A 349 13.85 9.29 -19.07
C THR A 349 12.89 10.32 -18.47
N GLY A 350 11.63 10.27 -18.88
CA GLY A 350 10.67 11.29 -18.46
C GLY A 350 9.57 10.75 -17.54
N CYS A 351 8.58 11.60 -17.30
CA CYS A 351 7.43 11.28 -16.47
C CYS A 351 6.40 10.46 -17.24
N LEU A 352 5.53 9.78 -16.50
CA LEU A 352 4.45 9.02 -17.12
C LEU A 352 3.27 9.93 -17.39
N PRO A 353 2.64 9.83 -18.56
CA PRO A 353 1.39 10.48 -18.92
C PRO A 353 0.29 10.16 -17.93
N ALA A 354 -0.40 11.18 -17.46
CA ALA A 354 -1.42 11.05 -16.42
C ALA A 354 -2.56 10.12 -16.80
N HIS A 355 -2.92 10.07 -18.08
CA HIS A 355 -4.10 9.31 -18.49
C HIS A 355 -3.85 7.83 -18.69
N LEU A 356 -2.60 7.38 -18.55
CA LEU A 356 -2.26 5.98 -18.82
C LEU A 356 -1.94 5.18 -17.55
N LEU A 357 -2.41 5.65 -16.40
CA LEU A 357 -2.00 5.04 -15.12
C LEU A 357 -2.95 4.01 -14.54
N GLY A 358 -3.98 3.61 -15.27
CA GLY A 358 -4.86 2.53 -14.81
C GLY A 358 -6.22 2.98 -14.28
N ASP A 359 -6.39 4.27 -14.01
CA ASP A 359 -7.69 4.77 -13.57
C ASP A 359 -7.83 6.26 -13.85
N MET A 360 -8.94 6.85 -13.41
CA MET A 360 -9.26 8.23 -13.73
C MET A 360 -8.31 9.25 -13.11
N TRP A 361 -7.66 8.90 -11.99
CA TRP A 361 -6.84 9.87 -11.28
C TRP A 361 -5.39 9.44 -11.12
N GLY A 362 -5.10 8.17 -11.36
CA GLY A 362 -3.77 7.63 -11.15
C GLY A 362 -3.54 7.35 -9.68
N ARG A 363 -4.61 7.02 -8.98
CA ARG A 363 -4.53 6.76 -7.54
C ARG A 363 -3.90 5.41 -7.25
N PHE A 364 -4.23 4.41 -8.07
CA PHE A 364 -3.66 3.07 -7.90
C PHE A 364 -3.11 2.57 -9.22
N TRP A 365 -2.06 1.75 -9.17
CA TRP A 365 -1.49 1.18 -10.39
C TRP A 365 -1.88 -0.27 -10.57
N THR A 366 -2.89 -0.70 -9.82
CA THR A 366 -3.32 -2.10 -9.80
C THR A 366 -3.66 -2.63 -11.19
N ASN A 367 -4.31 -1.81 -11.99
CA ASN A 367 -4.83 -2.26 -13.28
C ASN A 367 -3.75 -2.34 -14.34
N LEU A 368 -2.51 -2.02 -13.97
CA LEU A 368 -1.40 -2.14 -14.90
C LEU A 368 -0.76 -3.51 -14.81
N TYR A 369 -1.19 -4.31 -13.84
CA TYR A 369 -0.59 -5.62 -13.59
C TYR A 369 -0.48 -6.48 -14.85
N ASN A 370 -1.51 -6.50 -15.70
CA ASN A 370 -1.54 -7.30 -16.90
C ASN A 370 -0.45 -6.91 -17.90
N LEU A 371 0.08 -5.68 -17.78
CA LEU A 371 1.14 -5.17 -18.63
C LEU A 371 2.51 -5.32 -17.95
N THR A 372 2.51 -5.31 -16.62
CA THR A 372 3.75 -5.29 -15.85
C THR A 372 4.14 -6.62 -15.22
N VAL A 373 3.24 -7.60 -15.21
CA VAL A 373 3.53 -8.87 -14.56
C VAL A 373 4.93 -9.40 -14.95
N PRO A 374 5.83 -9.58 -13.98
CA PRO A 374 7.19 -10.10 -14.12
C PRO A 374 7.26 -11.42 -14.90
N PHE A 375 6.55 -12.44 -14.43
CA PHE A 375 6.60 -13.74 -15.07
C PHE A 375 5.21 -14.18 -15.52
N GLU A 376 4.92 -14.00 -16.80
CA GLU A 376 3.56 -14.17 -17.32
C GLU A 376 3.16 -15.64 -17.47
N LYS A 377 4.12 -16.54 -17.34
CA LYS A 377 3.83 -17.97 -17.47
C LYS A 377 3.40 -18.59 -16.14
N LYS A 378 3.47 -17.79 -15.08
CA LYS A 378 3.12 -18.29 -13.75
C LYS A 378 1.88 -17.58 -13.23
N GLN A 379 1.02 -18.33 -12.56
CA GLN A 379 -0.22 -17.76 -12.02
C GLN A 379 -0.16 -17.62 -10.51
N ASN A 380 -0.99 -16.76 -9.97
CA ASN A 380 -1.09 -16.58 -8.53
C ASN A 380 -2.04 -17.61 -7.95
N ILE A 381 -1.91 -17.87 -6.66
CA ILE A 381 -2.76 -18.85 -6.00
C ILE A 381 -4.20 -18.37 -5.90
N ASP A 382 -5.12 -19.23 -6.34
CA ASP A 382 -6.54 -18.95 -6.28
C ASP A 382 -7.28 -20.23 -5.92
N VAL A 383 -7.90 -20.23 -4.74
CA VAL A 383 -8.49 -21.44 -4.20
C VAL A 383 -10.01 -21.46 -4.38
N THR A 384 -10.52 -20.54 -5.20
CA THR A 384 -11.96 -20.45 -5.44
C THR A 384 -12.54 -21.78 -5.92
N ASP A 385 -11.87 -22.42 -6.86
CA ASP A 385 -12.36 -23.68 -7.41
C ASP A 385 -12.39 -24.77 -6.37
N THR A 386 -11.44 -24.75 -5.44
CA THR A 386 -11.37 -25.75 -4.39
C THR A 386 -12.51 -25.54 -3.40
N MET A 387 -12.78 -24.29 -3.06
CA MET A 387 -13.86 -23.97 -2.13
C MET A 387 -15.19 -24.47 -2.65
N LYS A 388 -15.41 -24.31 -3.95
CA LYS A 388 -16.65 -24.77 -4.56
C LYS A 388 -16.71 -26.29 -4.58
N LYS A 389 -15.58 -26.92 -4.92
CA LYS A 389 -15.50 -28.37 -4.99
C LYS A 389 -15.77 -29.02 -3.63
N GLN A 390 -15.33 -28.35 -2.56
CA GLN A 390 -15.49 -28.85 -1.21
C GLN A 390 -16.81 -28.40 -0.57
N SER A 391 -17.66 -27.77 -1.38
CA SER A 391 -18.98 -27.32 -0.94
C SER A 391 -18.94 -26.33 0.22
N TRP A 392 -18.12 -25.29 0.11
CA TRP A 392 -18.11 -24.22 1.10
C TRP A 392 -19.29 -23.29 0.87
N ASP A 393 -19.72 -22.63 1.94
CA ASP A 393 -20.77 -21.62 1.85
C ASP A 393 -20.44 -20.43 2.76
N ALA A 394 -21.33 -19.44 2.79
CA ALA A 394 -21.07 -18.22 3.54
C ALA A 394 -20.87 -18.48 5.02
N GLU A 395 -21.63 -19.40 5.58
CA GLU A 395 -21.55 -19.66 7.00
C GLU A 395 -20.20 -20.28 7.36
N LYS A 396 -19.76 -21.25 6.54
CA LYS A 396 -18.48 -21.90 6.79
C LYS A 396 -17.33 -20.91 6.71
N ILE A 397 -17.40 -19.97 5.78
CA ILE A 397 -16.36 -18.97 5.63
C ILE A 397 -16.19 -18.14 6.89
N PHE A 398 -17.30 -17.67 7.46
CA PHE A 398 -17.24 -16.89 8.68
C PHE A 398 -16.86 -17.73 9.89
N LYS A 399 -17.25 -19.00 9.89
CA LYS A 399 -16.87 -19.90 10.97
C LYS A 399 -15.36 -20.15 10.99
N GLU A 400 -14.75 -20.22 9.81
CA GLU A 400 -13.31 -20.41 9.73
C GLU A 400 -12.58 -19.15 10.17
N ALA A 401 -13.13 -17.99 9.85
CA ALA A 401 -12.55 -16.73 10.30
C ALA A 401 -12.57 -16.67 11.82
N GLU A 402 -13.66 -17.16 12.41
CA GLU A 402 -13.78 -17.19 13.86
C GLU A 402 -12.70 -18.07 14.48
N LYS A 403 -12.45 -19.22 13.89
CA LYS A 403 -11.42 -20.14 14.37
C LYS A 403 -10.03 -19.48 14.37
N PHE A 404 -9.75 -18.72 13.32
CA PHE A 404 -8.49 -18.03 13.21
C PHE A 404 -8.23 -17.12 14.40
N TYR A 405 -9.22 -16.30 14.73
CA TYR A 405 -9.08 -15.38 15.84
C TYR A 405 -9.01 -16.10 17.18
N LEU A 406 -9.73 -17.20 17.30
CA LEU A 406 -9.69 -17.97 18.54
C LEU A 406 -8.32 -18.59 18.78
N SER A 407 -7.63 -18.97 17.70
CA SER A 407 -6.34 -19.62 17.81
C SER A 407 -5.29 -18.71 18.43
N VAL A 408 -5.57 -17.41 18.46
CA VAL A 408 -4.60 -16.45 18.98
C VAL A 408 -5.10 -15.81 20.27
N GLY A 409 -6.16 -16.37 20.85
CA GLY A 409 -6.63 -15.92 22.17
C GLY A 409 -7.63 -14.77 22.16
N LEU A 410 -8.30 -14.53 21.03
CA LEU A 410 -9.33 -13.49 20.98
C LEU A 410 -10.72 -14.12 21.06
N HIS A 411 -11.76 -13.27 21.15
CA HIS A 411 -13.13 -13.65 21.47
C HIS A 411 -13.79 -14.47 20.36
N ASN A 412 -14.81 -15.27 20.72
CA ASN A 412 -15.74 -15.78 19.74
C ASN A 412 -16.82 -14.74 19.49
N MET A 413 -17.57 -14.92 18.41
CA MET A 413 -18.72 -14.05 18.11
C MET A 413 -19.87 -14.44 19.01
N THR A 414 -20.69 -13.48 19.37
CA THR A 414 -21.79 -13.72 20.27
C THR A 414 -22.86 -14.57 19.57
N PRO A 415 -23.70 -15.29 20.33
CA PRO A 415 -24.89 -15.99 19.88
C PRO A 415 -25.81 -15.08 19.06
N GLU A 416 -25.87 -13.82 19.45
CA GLU A 416 -26.68 -12.84 18.73
C GLU A 416 -26.08 -12.52 17.37
N PHE A 417 -24.77 -12.40 17.30
CA PHE A 417 -24.10 -12.08 16.05
C PHE A 417 -24.52 -13.03 14.95
N TRP A 418 -24.48 -14.32 15.25
CA TRP A 418 -24.80 -15.35 14.27
C TRP A 418 -26.26 -15.35 13.81
N ASN A 419 -27.15 -14.71 14.60
CA ASN A 419 -28.58 -14.65 14.31
C ASN A 419 -28.97 -13.35 13.61
N ASN A 420 -28.39 -12.23 14.06
CA ASN A 420 -28.76 -10.89 13.61
C ASN A 420 -28.02 -10.44 12.35
N SER A 421 -26.82 -10.96 12.12
CA SER A 421 -26.01 -10.56 10.98
C SER A 421 -26.63 -11.00 9.65
N MET A 422 -26.26 -10.28 8.59
CA MET A 422 -26.68 -10.63 7.24
C MET A 422 -25.45 -11.05 6.45
N LEU A 423 -25.25 -12.35 6.29
CA LEU A 423 -24.02 -12.84 5.68
C LEU A 423 -24.19 -13.11 4.18
N THR A 424 -25.43 -13.25 3.74
CA THR A 424 -25.71 -13.48 2.33
C THR A 424 -26.77 -12.51 1.83
N GLU A 425 -26.86 -12.34 0.51
CA GLU A 425 -27.88 -11.48 -0.08
C GLU A 425 -29.26 -12.14 0.06
N PRO A 426 -30.28 -11.41 0.55
CA PRO A 426 -31.66 -11.83 0.68
C PRO A 426 -32.23 -12.31 -0.64
N SER A 427 -33.03 -13.37 -0.58
CA SER A 427 -33.69 -13.94 -1.75
C SER A 427 -35.19 -13.70 -1.69
N ASP A 428 -35.62 -12.93 -0.70
CA ASP A 428 -37.03 -12.73 -0.41
C ASP A 428 -37.62 -11.45 -1.03
N GLY A 429 -36.85 -10.79 -1.88
CA GLY A 429 -37.33 -9.59 -2.57
C GLY A 429 -36.77 -8.29 -1.96
N ARG A 430 -36.19 -8.39 -0.77
CA ARG A 430 -35.65 -7.19 -0.12
C ARG A 430 -34.49 -6.59 -0.90
N GLN A 431 -34.48 -5.25 -0.96
CA GLN A 431 -33.39 -4.52 -1.56
C GLN A 431 -32.37 -4.10 -0.51
N VAL A 432 -31.11 -4.42 -0.73
CA VAL A 432 -30.08 -4.09 0.23
C VAL A 432 -28.88 -3.46 -0.43
N VAL A 433 -28.02 -2.88 0.38
CA VAL A 433 -26.71 -2.43 -0.09
C VAL A 433 -25.65 -3.43 0.42
N CYS A 434 -25.02 -4.15 -0.53
CA CYS A 434 -24.15 -5.27 -0.21
C CYS A 434 -22.78 -4.84 0.31
N HIS A 435 -22.38 -3.62 -0.05
CA HIS A 435 -21.08 -3.15 0.38
C HIS A 435 -20.81 -3.59 1.82
N PRO A 436 -19.76 -4.38 2.05
CA PRO A 436 -19.45 -5.03 3.30
C PRO A 436 -19.06 -4.04 4.39
N THR A 437 -19.75 -4.11 5.53
CA THR A 437 -19.44 -3.25 6.67
C THR A 437 -19.57 -3.99 7.99
N ALA A 438 -18.79 -3.55 8.98
CA ALA A 438 -18.88 -4.07 10.34
C ALA A 438 -19.62 -3.07 11.22
N TRP A 439 -20.61 -3.54 11.97
CA TRP A 439 -21.42 -2.66 12.79
C TRP A 439 -21.24 -2.90 14.29
N ASP A 440 -21.19 -1.80 15.03
CA ASP A 440 -21.31 -1.83 16.49
C ASP A 440 -22.50 -0.99 16.89
N LEU A 441 -23.57 -1.63 17.32
CA LEU A 441 -24.83 -0.94 17.54
C LEU A 441 -24.95 -0.47 18.99
N GLY A 442 -24.01 -0.88 19.82
CA GLY A 442 -24.07 -0.56 21.25
C GLY A 442 -24.79 -1.66 22.02
N LYS A 443 -24.74 -1.59 23.34
CA LYS A 443 -25.37 -2.60 24.19
C LYS A 443 -24.97 -4.02 23.83
N ASN A 444 -23.68 -4.22 23.56
CA ASN A 444 -23.15 -5.55 23.24
C ASN A 444 -23.82 -6.17 22.02
N ASP A 445 -24.12 -5.35 21.02
CA ASP A 445 -24.77 -5.83 19.80
C ASP A 445 -23.87 -5.61 18.58
N PHE A 446 -23.27 -6.69 18.10
CA PHE A 446 -22.32 -6.62 17.01
C PHE A 446 -22.85 -7.37 15.80
N ARG A 447 -22.70 -6.79 14.61
CA ARG A 447 -23.20 -7.42 13.40
C ARG A 447 -22.31 -7.17 12.19
N ILE A 448 -22.38 -8.06 11.21
CA ILE A 448 -21.76 -7.81 9.90
C ILE A 448 -22.81 -7.85 8.79
N LYS A 449 -22.74 -6.88 7.90
CA LYS A 449 -23.61 -6.83 6.73
C LYS A 449 -22.79 -7.05 5.47
N MET A 450 -22.91 -8.23 4.89
CA MET A 450 -22.13 -8.60 3.72
C MET A 450 -22.92 -9.56 2.81
N CYS A 451 -22.69 -9.49 1.50
CA CYS A 451 -23.29 -10.43 0.55
C CYS A 451 -22.22 -11.42 0.07
N THR A 452 -22.02 -12.47 0.85
CA THR A 452 -20.86 -13.34 0.67
C THR A 452 -21.04 -14.34 -0.46
N LYS A 453 -20.02 -14.43 -1.31
CA LYS A 453 -19.94 -15.44 -2.35
C LYS A 453 -18.87 -16.45 -1.98
N VAL A 454 -18.93 -17.64 -2.57
CA VAL A 454 -17.90 -18.62 -2.28
C VAL A 454 -16.68 -18.41 -3.15
N THR A 455 -15.90 -17.40 -2.79
CA THR A 455 -14.70 -17.04 -3.53
C THR A 455 -13.55 -16.73 -2.57
N MET A 456 -12.33 -16.70 -3.09
CA MET A 456 -11.18 -16.37 -2.28
C MET A 456 -11.23 -14.91 -1.82
N ASP A 457 -11.77 -14.04 -2.66
CA ASP A 457 -11.83 -12.62 -2.33
C ASP A 457 -12.76 -12.36 -1.15
N ASP A 458 -13.90 -13.03 -1.14
CA ASP A 458 -14.84 -12.86 -0.03
C ASP A 458 -14.35 -13.58 1.21
N PHE A 459 -13.59 -14.65 1.02
CA PHE A 459 -12.96 -15.35 2.13
C PHE A 459 -12.08 -14.40 2.93
N LEU A 460 -11.20 -13.69 2.22
CA LEU A 460 -10.29 -12.76 2.86
C LEU A 460 -11.03 -11.53 3.42
N THR A 461 -12.09 -11.12 2.73
CA THR A 461 -12.90 -10.00 3.20
C THR A 461 -13.55 -10.33 4.54
N ALA A 462 -14.01 -11.56 4.69
CA ALA A 462 -14.63 -11.98 5.95
C ALA A 462 -13.67 -11.83 7.11
N HIS A 463 -12.39 -12.11 6.89
CA HIS A 463 -11.38 -11.94 7.95
C HIS A 463 -11.20 -10.47 8.26
N HIS A 464 -11.23 -9.64 7.23
CA HIS A 464 -11.07 -8.20 7.38
C HIS A 464 -12.19 -7.62 8.24
N GLU A 465 -13.43 -7.96 7.91
CA GLU A 465 -14.59 -7.41 8.60
C GLU A 465 -14.68 -7.91 10.03
N MET A 466 -14.33 -9.17 10.26
CA MET A 466 -14.37 -9.71 11.60
C MET A 466 -13.29 -9.08 12.48
N GLY A 467 -12.19 -8.63 11.86
CA GLY A 467 -11.13 -7.93 12.58
C GLY A 467 -11.65 -6.63 13.17
N HIS A 468 -12.56 -5.97 12.46
CA HIS A 468 -13.17 -4.75 12.96
C HIS A 468 -14.06 -5.03 14.16
N ILE A 469 -14.79 -6.15 14.09
CA ILE A 469 -15.64 -6.55 15.20
C ILE A 469 -14.80 -6.86 16.44
N GLN A 470 -13.67 -7.51 16.25
CA GLN A 470 -12.78 -7.85 17.35
C GLN A 470 -12.29 -6.60 18.08
N TYR A 471 -12.00 -5.56 17.31
CA TYR A 471 -11.51 -4.30 17.86
C TYR A 471 -12.64 -3.61 18.63
N ASP A 472 -13.83 -3.61 18.05
CA ASP A 472 -14.99 -2.99 18.68
C ASP A 472 -15.32 -3.65 20.02
N MET A 473 -15.19 -4.98 20.07
CA MET A 473 -15.43 -5.71 21.30
C MET A 473 -14.37 -5.41 22.35
N ALA A 474 -13.12 -5.28 21.91
CA ALA A 474 -12.00 -5.10 22.81
C ALA A 474 -12.14 -3.85 23.68
N TYR A 475 -12.64 -2.76 23.11
CA TYR A 475 -12.76 -1.52 23.89
C TYR A 475 -14.18 -1.22 24.32
N ALA A 476 -15.04 -2.25 24.34
CA ALA A 476 -16.44 -2.07 24.72
C ALA A 476 -16.56 -1.62 26.18
N LYS A 477 -15.49 -1.80 26.95
CA LYS A 477 -15.49 -1.44 28.36
C LYS A 477 -15.20 0.04 28.60
N GLN A 478 -14.80 0.75 27.55
CA GLN A 478 -14.48 2.17 27.66
C GLN A 478 -15.76 3.01 27.76
N PRO A 479 -15.68 4.22 28.30
CA PRO A 479 -16.71 5.24 28.28
C PRO A 479 -17.14 5.50 26.84
N TYR A 480 -18.43 5.78 26.64
CA TYR A 480 -19.01 5.92 25.31
C TYR A 480 -18.15 6.76 24.37
N LEU A 481 -17.71 7.93 24.82
CA LEU A 481 -16.98 8.87 23.97
C LEU A 481 -15.60 8.36 23.59
N LEU A 482 -15.09 7.38 24.32
CA LEU A 482 -13.74 6.89 24.09
C LEU A 482 -13.74 5.53 23.40
N ARG A 483 -14.92 5.10 22.92
CA ARG A 483 -15.02 3.84 22.22
C ARG A 483 -14.69 3.96 20.74
N ASN A 484 -13.42 4.17 20.45
CA ASN A 484 -12.92 4.36 19.09
C ASN A 484 -11.50 3.87 19.00
N GLY A 485 -10.89 3.96 17.81
CA GLY A 485 -9.48 3.63 17.65
C GLY A 485 -8.61 4.78 18.11
N ALA A 486 -7.34 4.49 18.39
CA ALA A 486 -6.42 5.52 18.85
C ALA A 486 -6.31 6.65 17.84
N ASN A 487 -6.32 6.30 16.57
CA ASN A 487 -6.34 7.27 15.47
C ASN A 487 -7.31 6.83 14.39
N GLU A 488 -7.45 7.66 13.38
CA GLU A 488 -8.30 7.38 12.24
C GLU A 488 -7.80 6.21 11.39
N GLY A 489 -6.52 5.88 11.52
CA GLY A 489 -5.93 4.82 10.71
C GLY A 489 -5.78 3.48 11.45
N PHE A 490 -6.16 3.43 12.73
CA PHE A 490 -5.95 2.22 13.51
C PHE A 490 -6.88 1.07 13.15
N HIS A 491 -8.15 1.38 12.89
CA HIS A 491 -9.11 0.32 12.58
C HIS A 491 -8.76 -0.39 11.30
N GLU A 492 -8.35 0.37 10.29
CA GLU A 492 -8.06 -0.21 9.00
C GLU A 492 -6.75 -0.98 9.04
N ALA A 493 -5.77 -0.47 9.79
CA ALA A 493 -4.48 -1.14 9.91
C ALA A 493 -4.65 -2.50 10.57
N VAL A 494 -5.52 -2.58 11.57
CA VAL A 494 -5.78 -3.84 12.26
C VAL A 494 -6.46 -4.85 11.34
N GLY A 495 -7.44 -4.39 10.58
CA GLY A 495 -8.13 -5.26 9.64
C GLY A 495 -7.19 -5.82 8.57
N GLU A 496 -6.35 -4.96 8.02
CA GLU A 496 -5.47 -5.35 6.92
C GLU A 496 -4.46 -6.42 7.31
N ILE A 497 -3.90 -6.33 8.52
CA ILE A 497 -2.89 -7.32 8.92
C ILE A 497 -3.48 -8.72 9.06
N MET A 498 -4.77 -8.80 9.38
CA MET A 498 -5.43 -10.09 9.51
C MET A 498 -5.62 -10.73 8.15
N SER A 499 -5.83 -9.90 7.13
CA SER A 499 -5.99 -10.39 5.78
C SER A 499 -4.67 -10.90 5.22
N LEU A 500 -3.57 -10.22 5.58
CA LEU A 500 -2.26 -10.62 5.09
C LEU A 500 -1.90 -12.02 5.59
N SER A 501 -2.18 -12.28 6.85
CA SER A 501 -1.87 -13.56 7.46
C SER A 501 -2.72 -14.68 6.85
N ALA A 502 -4.02 -14.44 6.71
CA ALA A 502 -4.95 -15.44 6.21
C ALA A 502 -4.64 -15.86 4.78
N ALA A 503 -4.06 -14.96 4.00
CA ALA A 503 -3.83 -15.21 2.58
C ALA A 503 -2.56 -16.00 2.27
N THR A 504 -1.76 -16.35 3.28
CA THR A 504 -0.52 -17.07 2.99
C THR A 504 -0.80 -18.49 2.53
N PRO A 505 0.05 -19.06 1.67
CA PRO A 505 0.09 -20.46 1.27
C PRO A 505 0.16 -21.36 2.50
N LYS A 506 0.84 -20.90 3.53
CA LYS A 506 0.95 -21.66 4.76
C LYS A 506 -0.43 -21.89 5.38
N HIS A 507 -1.21 -20.83 5.47
CA HIS A 507 -2.55 -20.91 6.05
C HIS A 507 -3.49 -21.72 5.17
N LEU A 508 -3.40 -21.52 3.86
CA LEU A 508 -4.29 -22.20 2.93
C LEU A 508 -4.08 -23.71 2.95
N LYS A 509 -2.84 -24.17 3.09
CA LYS A 509 -2.58 -25.60 3.19
C LYS A 509 -3.21 -26.19 4.43
N ASP A 510 -3.10 -25.50 5.55
CA ASP A 510 -3.67 -25.99 6.81
C ASP A 510 -5.18 -26.09 6.75
N LEU A 511 -5.82 -25.20 5.98
CA LEU A 511 -7.27 -25.22 5.81
C LEU A 511 -7.74 -26.31 4.87
N GLY A 512 -6.81 -26.90 4.12
CA GLY A 512 -7.16 -27.90 3.13
C GLY A 512 -7.60 -27.29 1.80
N LEU A 513 -7.32 -26.01 1.61
CA LEU A 513 -7.72 -25.32 0.38
C LEU A 513 -6.63 -25.32 -0.66
N LEU A 514 -5.45 -25.79 -0.27
CA LEU A 514 -4.30 -25.82 -1.14
C LEU A 514 -3.56 -27.14 -0.94
N ALA A 515 -3.20 -27.79 -2.03
CA ALA A 515 -2.59 -29.11 -1.94
C ALA A 515 -1.40 -29.09 -0.99
N GLN A 516 -1.32 -30.09 -0.12
CA GLN A 516 -0.26 -30.15 0.88
C GLN A 516 1.11 -30.20 0.23
N ASN A 517 1.19 -30.85 -0.92
CA ASN A 517 2.46 -31.00 -1.63
C ASN A 517 2.68 -29.91 -2.66
N TYR A 518 1.86 -28.86 -2.60
CA TYR A 518 2.01 -27.74 -3.53
C TYR A 518 3.41 -27.13 -3.37
N PRO A 519 4.19 -27.08 -4.45
CA PRO A 519 5.58 -26.65 -4.49
C PRO A 519 5.73 -25.15 -4.33
N GLU A 520 6.88 -24.72 -3.83
CA GLU A 520 7.19 -23.30 -3.80
C GLU A 520 7.74 -22.85 -5.14
N ASP A 521 7.45 -21.60 -5.51
CA ASP A 521 7.92 -21.03 -6.75
C ASP A 521 8.30 -19.58 -6.56
N TYR A 522 9.58 -19.28 -6.76
CA TYR A 522 10.11 -17.96 -6.46
C TYR A 522 9.59 -16.91 -7.43
N GLU A 523 9.32 -17.32 -8.66
CA GLU A 523 8.78 -16.41 -9.66
C GLU A 523 7.37 -15.98 -9.29
N THR A 524 6.61 -16.90 -8.72
CA THR A 524 5.26 -16.60 -8.24
C THR A 524 5.32 -15.60 -7.10
N GLU A 525 6.30 -15.75 -6.21
CA GLU A 525 6.44 -14.82 -5.10
C GLU A 525 6.76 -13.41 -5.59
N ILE A 526 7.58 -13.30 -6.66
CA ILE A 526 7.85 -12.01 -7.26
C ILE A 526 6.59 -11.42 -7.88
N ASN A 527 5.81 -12.24 -8.57
CA ASN A 527 4.55 -11.76 -9.13
C ASN A 527 3.64 -11.22 -8.04
N PHE A 528 3.58 -11.91 -6.91
CA PHE A 528 2.78 -11.50 -5.78
C PHE A 528 3.22 -10.15 -5.23
N LEU A 529 4.52 -10.02 -4.98
CA LEU A 529 5.04 -8.78 -4.41
C LEU A 529 4.85 -7.59 -5.34
N LEU A 530 4.99 -7.83 -6.64
CA LEU A 530 4.81 -6.77 -7.61
C LEU A 530 3.37 -6.29 -7.58
N LYS A 531 2.43 -7.23 -7.60
CA LYS A 531 1.03 -6.87 -7.58
C LYS A 531 0.68 -6.07 -6.32
N GLN A 532 1.29 -6.42 -5.20
CA GLN A 532 1.08 -5.72 -3.96
C GLN A 532 1.65 -4.31 -4.02
N ALA A 533 2.84 -4.17 -4.59
CA ALA A 533 3.50 -2.87 -4.68
C ALA A 533 2.68 -1.87 -5.50
N LEU A 534 2.01 -2.37 -6.53
CA LEU A 534 1.22 -1.50 -7.40
C LEU A 534 0.05 -0.85 -6.66
N ASN A 535 -0.40 -1.50 -5.59
CA ASN A 535 -1.52 -0.99 -4.81
C ASN A 535 -1.07 -0.24 -3.56
N ILE A 536 0.02 -0.71 -2.96
CA ILE A 536 0.50 -0.17 -1.70
C ILE A 536 1.54 0.93 -1.85
N VAL A 537 2.52 0.72 -2.72
CA VAL A 537 3.62 1.66 -2.86
C VAL A 537 3.28 2.76 -3.86
N GLY A 538 2.68 2.35 -4.97
CA GLY A 538 2.39 3.27 -6.08
C GLY A 538 1.37 4.34 -5.70
N THR A 539 0.74 4.19 -4.54
CA THR A 539 -0.26 5.15 -4.09
C THR A 539 0.27 6.13 -3.05
N LEU A 540 1.41 5.84 -2.43
CA LEU A 540 1.87 6.67 -1.33
C LEU A 540 2.23 8.12 -1.76
N PRO A 541 2.93 8.34 -2.88
CA PRO A 541 3.28 9.64 -3.41
C PRO A 541 2.04 10.43 -3.84
N PHE A 542 0.96 9.72 -4.15
CA PHE A 542 -0.29 10.34 -4.55
C PHE A 542 -0.94 10.98 -3.34
N THR A 543 -1.04 10.21 -2.27
CA THR A 543 -1.66 10.67 -1.03
C THR A 543 -0.84 11.81 -0.42
N TYR A 544 0.46 11.63 -0.41
CA TYR A 544 1.37 12.64 0.13
C TYR A 544 1.24 13.95 -0.62
N MET A 545 1.33 13.88 -1.95
CA MET A 545 1.31 15.07 -2.80
C MET A 545 -0.02 15.81 -2.70
N LEU A 546 -1.12 15.07 -2.65
CA LEU A 546 -2.44 15.68 -2.61
C LEU A 546 -2.67 16.47 -1.32
N GLU A 547 -2.32 15.88 -0.19
CA GLU A 547 -2.50 16.56 1.08
C GLU A 547 -1.58 17.76 1.22
N LYS A 548 -0.37 17.62 0.71
CA LYS A 548 0.59 18.71 0.78
C LYS A 548 0.05 19.93 0.03
N TRP A 549 -0.54 19.69 -1.14
CA TRP A 549 -1.13 20.77 -1.92
C TRP A 549 -2.28 21.43 -1.18
N ARG A 550 -3.20 20.63 -0.63
CA ARG A 550 -4.35 21.19 0.06
C ARG A 550 -3.94 22.00 1.28
N TRP A 551 -2.95 21.50 2.02
CA TRP A 551 -2.49 22.20 3.20
C TRP A 551 -1.95 23.57 2.84
N MET A 552 -1.18 23.65 1.75
CA MET A 552 -0.61 24.90 1.29
C MET A 552 -1.67 25.87 0.78
N VAL A 553 -2.72 25.32 0.17
CA VAL A 553 -3.84 26.14 -0.30
C VAL A 553 -4.62 26.75 0.85
N PHE A 554 -4.90 25.96 1.87
CA PHE A 554 -5.63 26.46 3.04
C PHE A 554 -4.78 27.45 3.81
N GLU A 555 -3.49 27.16 3.94
CA GLU A 555 -2.56 28.02 4.65
C GLU A 555 -2.40 29.37 3.97
N GLY A 556 -2.37 29.36 2.64
CA GLY A 556 -2.20 30.59 1.88
C GLY A 556 -0.81 30.67 1.25
N LYS A 557 -0.11 29.54 1.21
CA LYS A 557 1.21 29.50 0.59
C LYS A 557 1.07 29.51 -0.92
N ILE A 558 -0.02 28.92 -1.40
CA ILE A 558 -0.30 28.93 -2.84
C ILE A 558 -1.53 29.82 -3.09
N PRO A 559 -1.36 30.97 -3.74
CA PRO A 559 -2.38 31.93 -4.07
C PRO A 559 -3.28 31.38 -5.18
N LYS A 560 -4.49 31.91 -5.29
CA LYS A 560 -5.46 31.42 -6.27
C LYS A 560 -4.91 31.41 -7.69
N GLU A 561 -4.09 32.41 -8.00
CA GLU A 561 -3.54 32.58 -9.34
C GLU A 561 -2.55 31.47 -9.72
N GLN A 562 -2.11 30.69 -8.75
CA GLN A 562 -1.13 29.64 -9.01
C GLN A 562 -1.62 28.26 -8.58
N TRP A 563 -2.92 28.07 -8.42
CA TRP A 563 -3.42 26.79 -7.96
C TRP A 563 -3.04 25.63 -8.88
N MET A 564 -3.33 25.77 -10.18
CA MET A 564 -3.04 24.71 -11.12
C MET A 564 -1.58 24.67 -11.50
N GLU A 565 -0.94 25.83 -11.47
CA GLU A 565 0.48 25.90 -11.76
C GLU A 565 1.26 25.03 -10.77
N LYS A 566 0.94 25.15 -9.49
CA LYS A 566 1.64 24.39 -8.46
C LYS A 566 1.19 22.95 -8.40
N TRP A 567 -0.08 22.69 -8.74
CA TRP A 567 -0.57 21.33 -8.74
C TRP A 567 0.26 20.46 -9.67
N TRP A 568 0.42 20.91 -10.91
CA TRP A 568 1.13 20.12 -11.90
C TRP A 568 2.64 20.15 -11.72
N GLU A 569 3.16 21.23 -11.16
CA GLU A 569 4.59 21.27 -10.85
C GLU A 569 4.93 20.20 -9.81
N MET A 570 4.10 20.12 -8.79
CA MET A 570 4.27 19.13 -7.73
C MET A 570 4.08 17.71 -8.24
N LYS A 571 3.14 17.50 -9.17
CA LYS A 571 2.93 16.18 -9.72
C LYS A 571 4.18 15.66 -10.43
N ARG A 572 4.82 16.53 -11.20
CA ARG A 572 6.03 16.12 -11.93
C ARG A 572 7.20 15.83 -10.99
N GLU A 573 7.39 16.67 -9.98
CA GLU A 573 8.53 16.55 -9.09
C GLU A 573 8.38 15.44 -8.02
N ILE A 574 7.17 15.26 -7.51
CA ILE A 574 6.96 14.32 -6.41
C ILE A 574 6.53 12.95 -6.91
N VAL A 575 5.59 12.90 -7.84
CA VAL A 575 5.02 11.63 -8.26
C VAL A 575 5.69 11.13 -9.53
N GLY A 576 6.03 12.03 -10.43
CA GLY A 576 6.64 11.65 -11.70
C GLY A 576 5.58 11.45 -12.78
N VAL A 577 4.53 12.24 -12.70
CA VAL A 577 3.43 12.20 -13.65
C VAL A 577 3.24 13.53 -14.35
N VAL A 578 3.04 13.49 -15.66
CA VAL A 578 2.92 14.70 -16.47
C VAL A 578 1.59 14.76 -17.20
N GLU A 579 1.01 15.96 -17.25
CA GLU A 579 -0.26 16.18 -17.91
C GLU A 579 -0.11 16.04 -19.44
N PRO A 580 -1.06 15.37 -20.11
CA PRO A 580 -1.21 15.29 -21.55
C PRO A 580 -1.41 16.63 -22.23
N LEU A 581 -2.03 17.56 -21.51
CA LEU A 581 -2.35 18.88 -22.04
C LEU A 581 -2.18 19.90 -20.93
N PRO A 582 -1.67 21.10 -21.23
CA PRO A 582 -1.49 22.19 -20.31
C PRO A 582 -2.83 22.72 -19.84
N HIS A 583 -2.96 22.94 -18.54
CA HIS A 583 -4.19 23.47 -17.97
C HIS A 583 -3.95 24.80 -17.28
N ASP A 584 -4.82 25.76 -17.55
CA ASP A 584 -4.74 27.08 -16.93
C ASP A 584 -5.59 27.14 -15.67
N GLU A 585 -5.79 28.35 -15.15
CA GLU A 585 -6.43 28.50 -13.85
C GLU A 585 -7.95 28.53 -13.92
N THR A 586 -8.52 28.09 -15.03
CA THR A 586 -9.97 27.90 -15.06
C THR A 586 -10.30 26.48 -14.63
N TYR A 587 -9.27 25.64 -14.53
CA TYR A 587 -9.40 24.25 -14.12
C TYR A 587 -9.25 24.10 -12.62
N CYS A 588 -9.81 23.03 -12.08
CA CYS A 588 -9.59 22.67 -10.69
C CYS A 588 -9.47 21.17 -10.55
N ASP A 589 -8.35 20.64 -11.04
CA ASP A 589 -8.16 19.20 -11.17
C ASP A 589 -8.34 18.40 -9.89
N PRO A 590 -7.86 18.86 -8.73
CA PRO A 590 -8.00 18.20 -7.45
C PRO A 590 -9.45 17.99 -7.05
N ALA A 591 -10.33 18.85 -7.54
CA ALA A 591 -11.73 18.81 -7.13
C ALA A 591 -12.49 17.77 -7.93
N SER A 592 -11.82 17.16 -8.90
CA SER A 592 -12.43 16.14 -9.72
C SER A 592 -12.31 14.78 -9.04
N LEU A 593 -11.70 14.77 -7.86
CA LEU A 593 -11.58 13.56 -7.04
C LEU A 593 -12.65 13.58 -5.95
N PHE A 594 -13.18 12.40 -5.64
CA PHE A 594 -14.27 12.26 -4.67
C PHE A 594 -14.00 12.93 -3.32
N HIS A 595 -12.83 12.66 -2.75
CA HIS A 595 -12.54 13.10 -1.39
C HIS A 595 -12.37 14.61 -1.30
N VAL A 596 -11.93 15.24 -2.37
CA VAL A 596 -11.76 16.68 -2.35
C VAL A 596 -13.11 17.38 -2.47
N ALA A 597 -13.91 16.92 -3.43
CA ALA A 597 -15.24 17.49 -3.66
C ALA A 597 -16.14 17.33 -2.45
N ASN A 598 -15.98 16.22 -1.72
CA ASN A 598 -16.85 15.92 -0.58
C ASN A 598 -16.27 16.26 0.78
N ASP A 599 -15.22 17.08 0.82
CA ASP A 599 -14.65 17.56 2.08
C ASP A 599 -14.20 16.46 3.04
N TYR A 600 -13.38 15.52 2.54
CA TYR A 600 -12.79 14.51 3.41
C TYR A 600 -11.28 14.70 3.51
N SER A 601 -10.71 14.35 4.67
CA SER A 601 -9.26 14.33 4.82
C SER A 601 -8.70 13.10 4.10
N PHE A 602 -7.44 13.18 3.68
CA PHE A 602 -6.88 12.11 2.84
C PHE A 602 -5.66 11.45 3.49
N ILE A 603 -4.95 12.20 4.33
CA ILE A 603 -3.67 11.72 4.89
C ILE A 603 -3.82 10.40 5.65
N ARG A 604 -5.04 10.08 6.06
CA ARG A 604 -5.29 8.85 6.80
C ARG A 604 -4.81 7.62 6.05
N TYR A 605 -4.75 7.70 4.73
CA TYR A 605 -4.35 6.57 3.91
C TYR A 605 -2.84 6.38 3.96
N PHE A 606 -2.12 7.49 4.14
CA PHE A 606 -0.68 7.46 4.22
C PHE A 606 -0.24 6.82 5.52
N THR A 607 -0.83 7.28 6.63
CA THR A 607 -0.47 6.83 7.95
C THR A 607 -0.94 5.40 8.21
N ARG A 608 -2.07 5.03 7.62
CA ARG A 608 -2.59 3.69 7.78
C ARG A 608 -1.61 2.67 7.25
N THR A 609 -1.08 2.93 6.07
CA THR A 609 -0.13 2.02 5.43
C THR A 609 1.11 1.82 6.27
N ILE A 610 1.65 2.90 6.82
CA ILE A 610 2.87 2.82 7.61
C ILE A 610 2.64 2.03 8.90
N LEU A 611 1.51 2.29 9.58
CA LEU A 611 1.20 1.59 10.81
C LEU A 611 0.97 0.10 10.56
N GLU A 612 0.31 -0.20 9.46
CA GLU A 612 -0.01 -1.57 9.09
C GLU A 612 1.21 -2.46 9.11
N PHE A 613 2.31 -1.98 8.54
CA PHE A 613 3.52 -2.78 8.49
C PHE A 613 4.27 -2.81 9.82
N GLN A 614 4.12 -1.76 10.62
CA GLN A 614 4.72 -1.78 11.96
C GLN A 614 4.07 -2.85 12.83
N PHE A 615 2.75 -2.98 12.71
CA PHE A 615 2.02 -3.97 13.48
C PHE A 615 2.38 -5.38 13.02
N GLN A 616 2.46 -5.57 11.70
CA GLN A 616 2.75 -6.89 11.16
C GLN A 616 4.14 -7.38 11.53
N GLU A 617 5.12 -6.49 11.46
CA GLU A 617 6.48 -6.88 11.79
C GLU A 617 6.61 -7.24 13.26
N ALA A 618 6.05 -6.41 14.13
CA ALA A 618 6.15 -6.62 15.55
C ALA A 618 5.53 -7.95 15.96
N LEU A 619 4.38 -8.27 15.35
CA LEU A 619 3.69 -9.52 15.68
C LEU A 619 4.44 -10.76 15.16
N CYS A 620 5.14 -10.62 14.01
CA CYS A 620 5.89 -11.73 13.42
C CYS A 620 7.13 -12.05 14.23
N GLN A 621 7.72 -11.05 14.87
CA GLN A 621 8.89 -11.29 15.70
C GLN A 621 8.49 -12.08 16.93
N ILE A 622 7.35 -11.74 17.51
CA ILE A 622 6.83 -12.43 18.68
C ILE A 622 6.51 -13.88 18.37
N ALA A 623 5.95 -14.10 17.19
CA ALA A 623 5.58 -15.44 16.72
C ALA A 623 6.80 -16.26 16.26
N ASN A 624 8.00 -15.67 16.32
CA ASN A 624 9.28 -16.28 15.93
C ASN A 624 9.30 -16.71 14.48
N HIS A 625 8.73 -15.90 13.58
CA HIS A 625 8.76 -16.14 12.15
C HIS A 625 10.15 -15.96 11.56
N THR A 626 10.58 -16.93 10.76
CA THR A 626 11.88 -16.87 10.08
C THR A 626 11.64 -16.82 8.58
N GLY A 627 12.46 -16.06 7.87
CA GLY A 627 12.31 -15.94 6.43
C GLY A 627 11.60 -14.63 6.10
N PRO A 628 11.19 -14.45 4.84
CA PRO A 628 10.56 -13.26 4.29
C PRO A 628 9.30 -12.87 5.05
N LEU A 629 9.12 -11.57 5.28
CA LEU A 629 7.99 -11.08 6.06
C LEU A 629 6.65 -11.36 5.39
N HIS A 630 6.62 -11.35 4.05
CA HIS A 630 5.36 -11.54 3.34
C HIS A 630 4.84 -12.97 3.44
N LYS A 631 5.65 -13.86 4.00
CA LYS A 631 5.23 -15.24 4.21
C LYS A 631 4.88 -15.53 5.68
N CYS A 632 4.74 -14.48 6.50
CA CYS A 632 4.42 -14.58 7.91
C CYS A 632 2.96 -14.92 8.16
N ASP A 633 2.74 -15.80 9.13
CA ASP A 633 1.41 -16.22 9.56
C ASP A 633 1.38 -16.31 11.08
N ILE A 634 0.51 -15.52 11.71
CA ILE A 634 0.48 -15.42 13.17
C ILE A 634 -0.56 -16.34 13.80
N SER A 635 -1.09 -17.27 13.02
CA SER A 635 -2.06 -18.21 13.53
C SER A 635 -1.43 -19.06 14.63
N ASN A 636 -2.25 -19.47 15.60
CA ASN A 636 -1.82 -20.32 16.74
C ASN A 636 -0.80 -19.63 17.64
N SER A 637 -0.54 -18.33 17.47
CA SER A 637 0.35 -17.59 18.36
C SER A 637 -0.43 -16.77 19.37
N THR A 638 -0.49 -17.26 20.60
CA THR A 638 -1.24 -16.57 21.64
C THR A 638 -0.42 -15.45 22.23
N GLU A 639 0.90 -15.52 22.06
CA GLU A 639 1.78 -14.45 22.51
C GLU A 639 1.58 -13.22 21.63
N ALA A 640 1.50 -13.43 20.32
CA ALA A 640 1.25 -12.33 19.39
C ALA A 640 -0.14 -11.77 19.64
N GLY A 641 -1.10 -12.66 19.93
CA GLY A 641 -2.46 -12.25 20.19
C GLY A 641 -2.56 -11.36 21.42
N LYS A 642 -1.86 -11.73 22.49
CA LYS A 642 -1.87 -10.96 23.72
C LYS A 642 -1.28 -9.57 23.51
N GLN A 643 -0.18 -9.49 22.76
CA GLN A 643 0.46 -8.21 22.52
C GLN A 643 -0.49 -7.26 21.81
N LEU A 644 -1.27 -7.81 20.89
CA LEU A 644 -2.25 -7.04 20.14
C LEU A 644 -3.43 -6.63 21.00
N LYS A 645 -3.97 -7.57 21.77
CA LYS A 645 -5.13 -7.31 22.62
C LYS A 645 -4.85 -6.16 23.58
N ASN A 646 -3.62 -6.09 24.08
CA ASN A 646 -3.23 -5.04 25.02
C ASN A 646 -3.34 -3.65 24.40
N MET A 647 -3.23 -3.57 23.08
CA MET A 647 -3.35 -2.29 22.39
C MET A 647 -4.81 -2.02 22.05
N LEU A 648 -5.52 -3.06 21.63
CA LEU A 648 -6.88 -2.91 21.12
C LEU A 648 -7.84 -2.40 22.18
N GLU A 649 -7.70 -2.90 23.41
CA GLU A 649 -8.65 -2.57 24.46
C GLU A 649 -8.56 -1.13 24.97
N LEU A 650 -7.54 -0.41 24.54
CA LEU A 650 -7.33 0.95 25.04
C LEU A 650 -8.32 1.93 24.42
N GLY A 651 -8.88 1.57 23.27
CA GLY A 651 -9.75 2.49 22.57
C GLY A 651 -8.98 3.76 22.27
N LYS A 652 -9.54 4.91 22.62
CA LYS A 652 -8.85 6.18 22.44
C LYS A 652 -8.70 6.90 23.77
N SER A 653 -8.58 6.13 24.86
CA SER A 653 -8.40 6.71 26.19
C SER A 653 -6.96 7.16 26.44
N LYS A 654 -6.04 6.69 25.59
CA LYS A 654 -4.63 7.02 25.69
C LYS A 654 -4.15 7.65 24.39
N PRO A 655 -3.06 8.41 24.40
CA PRO A 655 -2.37 8.93 23.24
C PRO A 655 -2.02 7.80 22.28
N TRP A 656 -2.16 8.05 20.99
CA TRP A 656 -1.88 7.01 20.01
C TRP A 656 -0.42 6.59 20.03
N THR A 657 0.46 7.47 20.49
CA THR A 657 1.86 7.13 20.60
C THR A 657 2.07 6.09 21.69
N PHE A 658 1.21 6.13 22.71
CA PHE A 658 1.21 5.13 23.77
C PHE A 658 0.70 3.81 23.23
N ALA A 659 -0.41 3.87 22.50
CA ALA A 659 -1.03 2.68 21.92
C ALA A 659 -0.08 2.00 20.96
N LEU A 660 0.68 2.79 20.21
CA LEU A 660 1.65 2.24 19.27
C LEU A 660 2.79 1.56 20.00
N GLU A 661 3.29 2.18 21.05
CA GLU A 661 4.38 1.60 21.83
C GLU A 661 3.99 0.24 22.40
N GLN A 662 2.73 0.09 22.80
CA GLN A 662 2.24 -1.15 23.38
C GLN A 662 2.33 -2.34 22.42
N ILE A 663 2.41 -2.08 21.13
CA ILE A 663 2.45 -3.15 20.15
C ILE A 663 3.76 -3.21 19.36
N ALA A 664 4.25 -2.05 18.91
CA ALA A 664 5.40 -1.98 18.02
C ALA A 664 6.61 -1.56 18.85
N ARG A 665 6.41 -1.31 20.14
CA ARG A 665 7.46 -0.89 21.04
C ARG A 665 8.24 0.34 20.50
N THR A 666 7.48 1.34 20.05
CA THR A 666 8.04 2.57 19.52
C THR A 666 6.96 3.63 19.66
N LYS A 667 7.38 4.88 19.77
CA LYS A 667 6.44 6.01 19.85
C LYS A 667 6.37 6.78 18.54
N GLU A 668 7.06 6.28 17.52
CA GLU A 668 7.14 6.97 16.25
C GLU A 668 6.72 6.08 15.09
N MET A 669 6.27 6.70 14.00
CA MET A 669 5.97 5.96 12.79
C MET A 669 7.26 5.66 12.04
N ASP A 670 7.38 4.44 11.53
CA ASP A 670 8.61 3.97 10.92
C ASP A 670 8.36 3.27 9.59
N ALA A 671 9.03 3.72 8.55
CA ALA A 671 8.86 3.19 7.20
C ALA A 671 9.68 1.92 6.96
N LYS A 672 10.58 1.59 7.88
CA LYS A 672 11.47 0.46 7.66
C LYS A 672 10.74 -0.89 7.47
N PRO A 673 9.73 -1.22 8.29
CA PRO A 673 8.90 -2.41 8.16
C PRO A 673 8.31 -2.57 6.76
N LEU A 674 7.93 -1.46 6.14
CA LEU A 674 7.37 -1.49 4.79
C LEU A 674 8.48 -1.85 3.80
N LEU A 675 9.62 -1.21 3.96
CA LEU A 675 10.76 -1.42 3.07
C LEU A 675 11.28 -2.85 3.21
N ASN A 676 11.18 -3.40 4.42
CA ASN A 676 11.59 -4.78 4.67
C ASN A 676 10.63 -5.76 4.01
N TYR A 677 9.34 -5.47 4.08
CA TYR A 677 8.33 -6.30 3.45
C TYR A 677 8.61 -6.48 1.96
N PHE A 678 8.94 -5.39 1.29
CA PHE A 678 9.18 -5.40 -0.14
C PHE A 678 10.66 -5.53 -0.51
N LYS A 679 11.49 -5.91 0.46
CA LYS A 679 12.92 -6.03 0.24
C LYS A 679 13.31 -6.91 -0.97
N PRO A 680 12.82 -8.17 -1.10
CA PRO A 680 13.08 -9.04 -2.23
C PRO A 680 12.62 -8.47 -3.57
N LEU A 681 11.57 -7.65 -3.57
CA LEU A 681 11.13 -7.04 -4.81
C LEU A 681 12.08 -5.92 -5.21
N PHE A 682 12.51 -5.15 -4.21
CA PHE A 682 13.43 -4.05 -4.43
C PHE A 682 14.72 -4.55 -5.08
N SER A 683 15.28 -5.62 -4.53
CA SER A 683 16.53 -6.16 -5.05
C SER A 683 16.38 -6.66 -6.48
N TRP A 684 15.27 -7.31 -6.79
CA TRP A 684 15.01 -7.78 -8.14
C TRP A 684 14.88 -6.62 -9.12
N LEU A 685 14.11 -5.60 -8.75
CA LEU A 685 13.92 -4.44 -9.61
C LEU A 685 15.21 -3.69 -9.82
N LYS A 686 16.01 -3.55 -8.77
CA LYS A 686 17.25 -2.80 -8.86
C LYS A 686 18.20 -3.40 -9.88
N GLU A 687 18.34 -4.72 -9.85
CA GLU A 687 19.22 -5.42 -10.78
C GLU A 687 18.73 -5.29 -12.22
N LEU A 688 17.41 -5.35 -12.38
CA LEU A 688 16.78 -5.27 -13.70
C LEU A 688 16.82 -3.86 -14.31
N ASN A 689 16.54 -2.86 -13.49
CA ASN A 689 16.46 -1.48 -13.96
C ASN A 689 17.83 -0.88 -14.24
N GLY A 690 18.84 -1.31 -13.49
CA GLY A 690 20.18 -0.79 -13.69
C GLY A 690 20.26 0.71 -13.40
N ASN A 691 20.76 1.47 -14.36
CA ASN A 691 20.93 2.91 -14.19
C ASN A 691 19.89 3.73 -14.94
N SER A 692 18.75 3.12 -15.25
CA SER A 692 17.66 3.82 -15.92
C SER A 692 16.66 4.40 -14.92
N VAL A 693 16.98 4.31 -13.64
CA VAL A 693 16.07 4.75 -12.58
C VAL A 693 16.11 6.27 -12.39
N GLY A 694 14.92 6.87 -12.32
CA GLY A 694 14.80 8.31 -12.12
C GLY A 694 14.09 8.96 -13.29
N TRP A 695 13.74 10.23 -13.14
CA TRP A 695 13.06 10.95 -14.22
C TRP A 695 13.38 12.44 -14.21
N SER A 696 13.25 13.07 -15.37
CA SER A 696 13.31 14.52 -15.45
C SER A 696 11.91 15.08 -15.49
N ALA A 697 11.77 16.38 -15.26
CA ALA A 697 10.46 17.02 -15.31
C ALA A 697 10.39 18.02 -16.46
N ASP A 698 11.28 17.82 -17.44
CA ASP A 698 11.37 18.72 -18.58
C ASP A 698 10.53 18.27 -19.76
N TRP A 699 10.37 16.96 -19.91
CA TRP A 699 9.65 16.38 -21.04
C TRP A 699 8.15 16.28 -20.78
N SER A 700 7.37 16.55 -21.80
CA SER A 700 5.93 16.34 -21.77
C SER A 700 5.46 15.90 -23.15
N PRO A 701 4.33 15.21 -23.25
CA PRO A 701 3.74 14.67 -24.48
C PRO A 701 3.57 15.71 -25.58
N TYR A 702 3.50 16.98 -25.22
CA TYR A 702 3.27 18.04 -26.18
C TYR A 702 4.45 18.99 -26.37
N SER A 703 5.57 18.73 -25.71
CA SER A 703 6.70 19.66 -25.71
C SER A 703 7.54 19.60 -26.97
N GLU A 704 7.59 18.44 -27.61
CA GLU A 704 8.48 18.23 -28.75
C GLU A 704 8.09 19.05 -29.96
N GLN A 705 6.82 19.38 -30.08
CA GLN A 705 6.33 20.11 -31.23
C GLN A 705 5.77 21.48 -30.86
N SER A 706 6.21 22.00 -29.72
CA SER A 706 5.78 23.32 -29.29
C SER A 706 6.72 24.40 -29.80
N ILE A 707 6.16 25.57 -30.08
CA ILE A 707 6.92 26.71 -30.57
C ILE A 707 7.00 27.80 -29.51
N LYS A 708 8.22 28.30 -29.25
CA LYS A 708 8.41 29.36 -28.27
C LYS A 708 8.34 30.74 -28.92
N VAL A 709 7.55 31.62 -28.31
CA VAL A 709 7.35 32.97 -28.81
C VAL A 709 7.81 34.00 -27.79
N ARG A 710 8.65 34.94 -28.23
CA ARG A 710 9.12 36.01 -27.37
C ARG A 710 8.79 37.37 -27.97
N ILE A 711 8.12 38.21 -27.18
CA ILE A 711 7.69 39.51 -27.67
C ILE A 711 8.24 40.66 -26.85
N SER A 712 8.71 41.69 -27.54
CA SER A 712 9.14 42.92 -26.89
C SER A 712 8.30 44.09 -27.36
N LEU A 713 7.42 44.57 -26.48
CA LEU A 713 6.49 45.63 -26.87
C LEU A 713 7.11 47.01 -26.69
N LYS A 714 8.01 47.14 -25.73
CA LYS A 714 8.62 48.43 -25.44
C LYS A 714 9.54 48.88 -26.56
N SER A 715 10.29 47.93 -27.12
CA SER A 715 11.24 48.24 -28.19
C SER A 715 10.53 48.40 -29.52
N ALA A 716 9.27 48.00 -29.56
CA ALA A 716 8.48 48.07 -30.78
C ALA A 716 7.76 49.40 -30.89
N LEU A 717 7.05 49.76 -29.81
CA LEU A 717 6.17 50.92 -29.86
C LEU A 717 6.62 52.07 -28.96
N GLY A 718 7.53 51.81 -28.04
CA GLY A 718 7.98 52.85 -27.11
C GLY A 718 6.83 53.35 -26.25
N GLU A 719 6.57 54.65 -26.34
CA GLU A 719 5.51 55.28 -25.55
C GLU A 719 4.13 54.75 -25.91
N LYS A 720 4.01 54.14 -27.09
CA LYS A 720 2.75 53.60 -27.57
C LYS A 720 2.57 52.13 -27.19
N ALA A 721 3.55 51.59 -26.47
CA ALA A 721 3.51 50.18 -26.07
C ALA A 721 2.34 49.90 -25.14
N TYR A 722 1.73 48.74 -25.31
CA TYR A 722 0.59 48.32 -24.51
C TYR A 722 0.96 47.20 -23.55
N GLU A 723 0.00 46.77 -22.75
CA GLU A 723 0.19 45.68 -21.82
C GLU A 723 -0.28 44.36 -22.40
N TRP A 724 0.56 43.33 -22.34
CA TRP A 724 0.19 42.03 -22.87
C TRP A 724 -0.71 41.28 -21.88
N ASN A 725 -1.98 41.66 -21.87
CA ASN A 725 -2.95 41.08 -20.95
C ASN A 725 -3.63 39.86 -21.57
N ASP A 726 -4.63 39.33 -20.86
CA ASP A 726 -5.32 38.12 -21.32
C ASP A 726 -6.00 38.34 -22.66
N ASN A 727 -6.47 39.56 -22.91
CA ASN A 727 -7.15 39.85 -24.15
C ASN A 727 -6.19 39.79 -25.34
N GLU A 728 -4.93 40.18 -25.10
CA GLU A 728 -3.92 40.12 -26.14
C GLU A 728 -3.57 38.67 -26.45
N MET A 729 -3.54 37.84 -25.40
CA MET A 729 -3.28 36.42 -25.59
C MET A 729 -4.39 35.76 -26.39
N TYR A 730 -5.63 36.17 -26.13
CA TYR A 730 -6.77 35.67 -26.88
C TYR A 730 -6.63 36.00 -28.36
N LEU A 731 -6.29 37.25 -28.65
CA LEU A 731 -6.11 37.69 -30.02
C LEU A 731 -5.02 36.88 -30.71
N PHE A 732 -3.94 36.60 -29.98
CA PHE A 732 -2.84 35.82 -30.54
C PHE A 732 -3.32 34.43 -30.96
N ARG A 733 -4.04 33.76 -30.08
CA ARG A 733 -4.55 32.42 -30.38
C ARG A 733 -5.49 32.44 -31.57
N SER A 734 -6.28 33.49 -31.68
CA SER A 734 -7.20 33.65 -32.80
C SER A 734 -6.43 33.85 -34.10
N SER A 735 -5.33 34.61 -34.02
CA SER A 735 -4.49 34.87 -35.18
C SER A 735 -3.80 33.59 -35.66
N VAL A 736 -3.39 32.76 -34.72
CA VAL A 736 -2.77 31.49 -35.07
C VAL A 736 -3.78 30.57 -35.74
N ALA A 737 -4.98 30.50 -35.18
CA ALA A 737 -6.03 29.67 -35.76
C ALA A 737 -6.32 30.10 -37.20
N TYR A 738 -6.32 31.42 -37.43
CA TYR A 738 -6.52 31.95 -38.76
C TYR A 738 -5.43 31.47 -39.70
N ALA A 739 -4.17 31.60 -39.28
CA ALA A 739 -3.04 31.18 -40.10
C ALA A 739 -3.13 29.71 -40.44
N MET A 740 -3.62 28.91 -39.49
CA MET A 740 -3.74 27.47 -39.71
C MET A 740 -4.83 27.16 -40.73
N ARG A 741 -5.90 27.95 -40.75
CA ARG A 741 -6.99 27.73 -41.70
C ARG A 741 -6.52 28.04 -43.11
N VAL A 742 -5.75 29.13 -43.25
CA VAL A 742 -5.27 29.55 -44.55
C VAL A 742 -4.29 28.55 -45.11
N TYR A 743 -3.36 28.11 -44.29
CA TYR A 743 -2.35 27.15 -44.70
C TYR A 743 -2.97 25.86 -45.22
N PHE A 744 -3.89 25.28 -44.44
CA PHE A 744 -4.48 24.02 -44.83
C PHE A 744 -5.32 24.14 -46.08
N LEU A 745 -6.06 25.23 -46.21
CA LEU A 745 -6.91 25.42 -47.39
C LEU A 745 -6.10 25.59 -48.67
N LYS A 746 -5.01 26.34 -48.60
CA LYS A 746 -4.20 26.60 -49.79
C LYS A 746 -3.23 25.48 -50.13
N VAL A 747 -2.71 24.78 -49.11
CA VAL A 747 -1.67 23.79 -49.33
C VAL A 747 -2.20 22.36 -49.44
N LYS A 748 -3.14 21.99 -48.57
CA LYS A 748 -3.66 20.63 -48.55
C LYS A 748 -5.01 20.53 -49.23
N ASN A 749 -5.56 21.69 -49.59
CA ASN A 749 -6.90 21.77 -50.14
C ASN A 749 -7.92 21.19 -49.16
N GLU A 750 -7.72 21.46 -47.88
CA GLU A 750 -8.61 20.97 -46.84
C GLU A 750 -9.23 22.12 -46.07
N THR A 751 -10.50 21.99 -45.74
CA THR A 751 -11.15 23.00 -44.92
C THR A 751 -11.27 22.52 -43.48
N ILE A 752 -10.50 23.14 -42.60
CA ILE A 752 -10.48 22.76 -41.20
C ILE A 752 -10.78 23.96 -40.31
N PRO A 753 -11.85 23.92 -39.53
CA PRO A 753 -12.35 24.98 -38.69
C PRO A 753 -11.55 25.13 -37.41
N PHE A 754 -10.29 25.55 -37.54
CA PHE A 754 -9.46 25.78 -36.36
C PHE A 754 -9.98 26.99 -35.59
N ARG A 755 -10.06 26.85 -34.27
CA ARG A 755 -10.50 27.94 -33.40
C ARG A 755 -9.41 28.31 -32.42
N ALA A 756 -9.60 29.42 -31.72
CA ALA A 756 -8.64 29.85 -30.70
C ALA A 756 -8.50 28.78 -29.62
N GLU A 757 -9.58 28.06 -29.38
CA GLU A 757 -9.60 27.01 -28.37
C GLU A 757 -8.75 25.80 -28.75
N ASP A 758 -8.36 25.73 -30.02
CA ASP A 758 -7.54 24.63 -30.52
C ASP A 758 -6.07 24.98 -30.44
N VAL A 759 -5.79 26.19 -29.95
CA VAL A 759 -4.42 26.63 -29.75
C VAL A 759 -4.11 26.61 -28.26
N TRP A 760 -3.17 25.76 -27.89
CA TRP A 760 -2.87 25.55 -26.49
C TRP A 760 -1.65 26.36 -26.10
N VAL A 761 -1.72 27.02 -24.96
CA VAL A 761 -0.62 27.87 -24.49
C VAL A 761 -0.14 27.45 -23.12
N SER A 762 1.18 27.37 -22.96
CA SER A 762 1.77 26.91 -21.71
C SER A 762 3.07 27.64 -21.39
N ASP A 763 3.54 27.43 -20.16
CA ASP A 763 4.81 28.00 -19.69
C ASP A 763 4.86 29.51 -19.89
N GLU A 764 3.78 30.17 -19.52
CA GLU A 764 3.68 31.62 -19.66
C GLU A 764 4.31 32.33 -18.46
N LYS A 765 5.18 33.28 -18.75
CA LYS A 765 5.86 34.07 -17.73
C LYS A 765 5.23 35.46 -17.59
N ILE A 766 5.70 36.23 -16.61
CA ILE A 766 5.25 37.61 -16.45
C ILE A 766 5.65 38.43 -17.67
N ARG A 767 6.89 38.26 -18.10
CA ARG A 767 7.37 38.84 -19.34
C ARG A 767 6.68 38.13 -20.50
N VAL A 768 6.61 38.75 -21.66
CA VAL A 768 5.84 38.13 -22.72
C VAL A 768 6.63 37.04 -23.40
N SER A 769 6.61 35.86 -22.78
CA SER A 769 7.30 34.68 -23.26
C SER A 769 6.45 33.45 -22.96
N PHE A 770 6.11 32.70 -24.01
CA PHE A 770 5.25 31.53 -23.86
C PHE A 770 5.46 30.53 -24.98
N LYS A 771 4.97 29.30 -24.80
CA LYS A 771 5.01 28.29 -25.84
C LYS A 771 3.59 27.93 -26.28
N PHE A 772 3.44 27.48 -27.52
CA PHE A 772 2.12 27.04 -27.97
C PHE A 772 2.17 25.88 -28.95
N PHE A 773 1.04 25.18 -29.07
CA PHE A 773 0.86 24.12 -30.07
C PHE A 773 -0.60 24.06 -30.53
N VAL A 774 -0.83 23.39 -31.66
CA VAL A 774 -2.17 23.34 -32.25
C VAL A 774 -2.68 21.92 -32.41
N THR A 775 -3.94 21.69 -32.02
CA THR A 775 -4.59 20.39 -32.20
C THR A 775 -5.72 20.47 -33.23
N SER A 776 -6.13 19.32 -33.75
CA SER A 776 -7.27 19.25 -34.67
C SER A 776 -8.59 19.51 -33.92
N PRO A 777 -9.53 20.25 -34.51
CA PRO A 777 -10.84 20.56 -33.95
C PRO A 777 -11.61 19.34 -33.45
N THR A 778 -11.47 18.21 -34.14
CA THR A 778 -12.23 17.01 -33.76
C THR A 778 -11.34 15.88 -33.18
N ASN A 779 -10.11 16.23 -32.81
CA ASN A 779 -9.18 15.24 -32.26
C ASN A 779 -8.15 15.90 -31.37
N VAL A 780 -8.09 15.48 -30.10
CA VAL A 780 -7.23 16.08 -29.09
C VAL A 780 -5.91 15.32 -28.94
N SER A 781 -5.85 14.13 -29.54
CA SER A 781 -4.63 13.32 -29.53
C SER A 781 -3.83 13.60 -30.80
N ASP A 782 -4.39 14.47 -31.65
CA ASP A 782 -3.77 14.82 -32.92
C ASP A 782 -3.15 16.20 -32.88
N ILE A 783 -1.84 16.26 -32.69
CA ILE A 783 -1.15 17.53 -32.59
C ILE A 783 -0.52 17.87 -33.94
N ILE A 784 -0.90 19.00 -34.50
CA ILE A 784 -0.43 19.36 -35.82
C ILE A 784 1.10 19.46 -35.77
N PRO A 785 1.80 18.78 -36.66
CA PRO A 785 3.24 18.74 -36.77
C PRO A 785 3.81 20.15 -36.74
N ARG A 786 4.93 20.31 -36.03
CA ARG A 786 5.53 21.61 -35.85
C ARG A 786 5.91 22.26 -37.17
N SER A 787 6.32 21.46 -38.16
CA SER A 787 6.72 21.98 -39.45
C SER A 787 5.54 22.58 -40.20
N GLU A 788 4.35 22.01 -40.01
CA GLU A 788 3.15 22.50 -40.67
C GLU A 788 2.70 23.79 -40.00
N VAL A 789 2.91 23.89 -38.70
CA VAL A 789 2.56 25.09 -37.97
C VAL A 789 3.51 26.22 -38.32
N GLU A 790 4.81 25.92 -38.36
CA GLU A 790 5.80 26.93 -38.75
C GLU A 790 5.54 27.46 -40.16
N ASP A 791 5.15 26.57 -41.09
CA ASP A 791 4.83 27.01 -42.44
C ASP A 791 3.63 27.94 -42.44
N ALA A 792 2.63 27.62 -41.61
CA ALA A 792 1.43 28.45 -41.53
C ALA A 792 1.76 29.84 -41.00
N ILE A 793 2.67 29.90 -40.02
CA ILE A 793 3.06 31.17 -39.43
C ILE A 793 3.76 32.06 -40.43
N ARG A 794 4.68 31.50 -41.21
CA ARG A 794 5.39 32.31 -42.21
C ARG A 794 4.43 32.85 -43.25
N MET A 795 3.51 32.00 -43.71
CA MET A 795 2.56 32.39 -44.75
C MET A 795 1.72 33.60 -44.35
N SER A 796 1.31 33.63 -43.09
CA SER A 796 0.47 34.70 -42.57
C SER A 796 1.22 35.59 -41.60
N ARG A 797 2.55 35.53 -41.64
CA ARG A 797 3.37 36.28 -40.70
C ARG A 797 3.09 37.77 -40.78
N GLY A 798 2.91 38.26 -42.01
CA GLY A 798 2.66 39.68 -42.23
C GLY A 798 1.37 40.16 -41.55
N ARG A 799 0.36 39.29 -41.54
CA ARG A 799 -0.93 39.66 -40.96
C ARG A 799 -0.86 39.57 -39.44
N ILE A 800 -0.11 38.60 -38.93
CA ILE A 800 0.09 38.46 -37.50
C ILE A 800 0.83 39.68 -36.97
N ASN A 801 1.84 40.11 -37.74
CA ASN A 801 2.61 41.30 -37.40
C ASN A 801 1.71 42.53 -37.27
N ASP A 802 0.89 42.78 -38.29
CA ASP A 802 0.04 43.96 -38.28
C ASP A 802 -0.92 43.96 -37.10
N ALA A 803 -1.42 42.79 -36.75
CA ALA A 803 -2.41 42.65 -35.68
C ALA A 803 -1.90 43.22 -34.36
N PHE A 804 -0.60 43.13 -34.12
CA PHE A 804 -0.03 43.58 -32.86
C PHE A 804 0.90 44.76 -33.04
N ARG A 805 0.95 45.30 -34.26
CA ARG A 805 1.87 46.38 -34.60
C ARG A 805 3.32 46.01 -34.28
N LEU A 806 3.70 44.78 -34.60
CA LEU A 806 5.06 44.31 -34.34
C LEU A 806 5.80 43.96 -35.62
N ASP A 807 7.11 44.16 -35.62
CA ASP A 807 7.95 43.74 -36.75
C ASP A 807 8.57 42.38 -36.48
N ASP A 808 9.48 41.95 -37.37
CA ASP A 808 10.03 40.60 -37.30
C ASP A 808 11.18 40.48 -36.30
N LYS A 809 11.46 41.56 -35.58
CA LYS A 809 12.49 41.54 -34.56
C LYS A 809 11.85 41.59 -33.18
N THR A 810 10.70 42.26 -33.08
CA THR A 810 10.00 42.40 -31.81
C THR A 810 8.98 41.28 -31.60
N LEU A 811 8.62 40.58 -32.68
CA LEU A 811 7.82 39.37 -32.58
C LEU A 811 8.60 38.20 -33.13
N GLU A 812 9.21 37.44 -32.23
CA GLU A 812 10.11 36.37 -32.63
C GLU A 812 9.48 34.99 -32.42
N PHE A 813 9.50 34.19 -33.48
CA PHE A 813 9.10 32.80 -33.36
C PHE A 813 10.34 31.94 -33.44
N LEU A 814 10.73 31.35 -32.31
CA LEU A 814 11.98 30.62 -32.26
C LEU A 814 11.92 29.46 -33.23
N GLY A 815 12.94 29.33 -34.06
CA GLY A 815 12.97 28.28 -35.09
C GLY A 815 12.65 28.79 -36.51
N ILE A 816 12.10 30.01 -36.62
CA ILE A 816 11.74 30.62 -37.90
C ILE A 816 12.69 31.77 -38.20
N LEU B 61 28.43 -48.31 10.08
CA LEU B 61 28.71 -46.93 10.42
C LEU B 61 30.20 -46.64 10.34
N PHE B 62 30.99 -47.69 10.14
CA PHE B 62 32.44 -47.58 10.14
C PHE B 62 33.07 -47.90 8.79
N ARG B 63 32.25 -47.89 7.73
CA ARG B 63 32.77 -48.24 6.41
C ARG B 63 32.64 -47.10 5.41
N GLY B 64 33.59 -47.03 4.49
CA GLY B 64 33.58 -46.00 3.45
C GLY B 64 33.94 -44.64 4.05
N PRO B 65 33.88 -43.59 3.23
CA PRO B 65 34.04 -42.19 3.57
C PRO B 65 32.95 -41.76 4.53
N VAL B 66 33.23 -40.77 5.37
CA VAL B 66 32.22 -40.27 6.29
C VAL B 66 31.37 -39.21 5.58
N PRO B 67 30.04 -39.36 5.56
CA PRO B 67 29.06 -38.45 5.01
C PRO B 67 29.20 -37.07 5.60
N GLN B 68 28.93 -36.05 4.80
CA GLN B 68 29.00 -34.65 5.25
C GLN B 68 27.60 -34.21 5.69
N PRO B 69 27.48 -33.12 6.46
CA PRO B 69 26.24 -32.57 7.01
C PRO B 69 25.12 -32.39 5.99
N TYR B 70 25.48 -32.15 4.73
CA TYR B 70 24.47 -31.91 3.69
C TYR B 70 24.08 -33.19 2.96
N GLU B 71 24.72 -34.29 3.33
CA GLU B 71 24.45 -35.61 2.77
C GLU B 71 24.57 -36.65 3.87
N PHE B 72 23.96 -36.38 5.01
CA PHE B 72 24.12 -37.22 6.19
C PHE B 72 23.61 -38.63 5.94
N GLY B 73 24.17 -39.59 6.65
CA GLY B 73 23.76 -40.99 6.50
C GLY B 73 22.51 -41.25 7.31
N ARG B 74 21.71 -42.22 6.87
CA ARG B 74 20.50 -42.61 7.59
C ARG B 74 20.35 -44.13 7.59
N LEU B 75 20.33 -44.71 8.78
CA LEU B 75 20.24 -46.17 8.89
C LEU B 75 19.25 -46.56 9.98
N VAL B 76 18.34 -47.48 9.68
CA VAL B 76 17.32 -47.87 10.65
C VAL B 76 17.42 -49.34 11.03
N TYR B 82 20.74 -54.41 20.49
CA TYR B 82 21.95 -53.60 20.47
C TYR B 82 22.51 -53.42 21.86
N ASN B 83 23.82 -53.20 21.93
CA ASN B 83 24.50 -52.90 23.18
C ASN B 83 25.02 -51.47 23.15
N PHE B 84 24.30 -50.57 23.81
CA PHE B 84 24.62 -49.14 23.75
C PHE B 84 26.04 -48.90 24.25
N THR B 85 26.37 -49.54 25.37
CA THR B 85 27.73 -49.39 25.90
C THR B 85 28.79 -49.87 24.92
N LYS B 86 28.56 -51.01 24.27
CA LYS B 86 29.53 -51.56 23.33
C LYS B 86 29.80 -50.61 22.20
N LEU B 87 28.77 -49.94 21.70
CA LEU B 87 29.00 -49.01 20.61
C LEU B 87 29.89 -47.87 21.09
N LEU B 88 29.62 -47.39 22.30
CA LEU B 88 30.44 -46.31 22.89
C LEU B 88 31.73 -46.85 23.50
N SER B 89 32.57 -47.40 22.64
CA SER B 89 33.86 -47.94 22.99
C SER B 89 34.78 -47.81 21.79
N TYR B 90 34.20 -47.35 20.68
CA TYR B 90 35.00 -47.10 19.49
C TYR B 90 35.44 -45.64 19.45
N PHE B 91 34.66 -44.76 20.09
CA PHE B 91 34.92 -43.33 19.98
C PHE B 91 35.25 -42.71 21.33
N GLN B 92 36.10 -41.70 21.31
CA GLN B 92 36.34 -40.88 22.49
C GLN B 92 35.32 -39.75 22.51
N VAL B 93 34.45 -39.77 23.51
CA VAL B 93 33.36 -38.79 23.59
C VAL B 93 33.85 -37.48 24.17
N ASP B 94 33.56 -36.38 23.47
CA ASP B 94 33.91 -35.04 23.93
C ASP B 94 32.72 -34.38 24.60
N ALA B 95 31.53 -34.69 24.10
CA ALA B 95 30.31 -34.14 24.66
C ALA B 95 29.17 -35.11 24.50
N PHE B 96 28.19 -35.00 25.38
CA PHE B 96 27.01 -35.85 25.32
C PHE B 96 25.80 -35.16 25.95
N GLU B 97 24.66 -35.24 25.27
CA GLU B 97 23.42 -34.67 25.78
C GLU B 97 22.22 -35.45 25.25
N CYS B 98 21.09 -35.41 25.96
CA CYS B 98 19.84 -36.04 25.55
C CYS B 98 18.66 -35.10 25.64
N LYS B 99 17.59 -35.41 24.93
CA LYS B 99 16.37 -34.66 25.09
C LYS B 99 15.15 -35.57 25.15
N LYS B 100 14.31 -35.37 26.17
CA LYS B 100 13.13 -36.19 26.44
C LYS B 100 13.52 -37.62 26.77
N VAL B 101 14.75 -37.81 27.26
CA VAL B 101 15.22 -39.15 27.58
C VAL B 101 16.52 -39.12 28.38
N THR B 102 16.75 -40.16 29.16
CA THR B 102 18.03 -40.36 29.85
C THR B 102 18.73 -41.59 29.26
N PRO B 103 20.06 -41.55 29.12
CA PRO B 103 20.90 -42.55 28.47
C PRO B 103 20.77 -43.90 29.13
N GLU B 104 20.37 -43.93 30.39
CA GLU B 104 20.15 -45.18 31.09
C GLU B 104 18.99 -45.94 30.46
N SER B 105 18.00 -45.19 29.98
CA SER B 105 16.80 -45.76 29.38
C SER B 105 17.09 -46.24 27.97
N ILE B 106 18.03 -45.59 27.30
CA ILE B 106 18.46 -46.01 25.97
C ILE B 106 19.05 -47.40 26.07
N ALA B 107 19.84 -47.64 27.11
CA ALA B 107 20.46 -48.94 27.31
C ALA B 107 19.48 -49.98 27.88
N THR B 108 18.56 -49.53 28.73
CA THR B 108 17.65 -50.48 29.38
C THR B 108 16.21 -50.27 28.93
N SER B 113 11.77 -49.56 16.82
CA SER B 113 12.85 -49.24 15.91
C SER B 113 13.91 -48.38 16.57
N LEU B 114 15.14 -48.49 16.08
CA LEU B 114 16.24 -47.62 16.48
C LEU B 114 16.82 -46.93 15.25
N THR B 115 16.86 -45.61 15.26
CA THR B 115 17.32 -44.87 14.08
C THR B 115 18.59 -44.08 14.34
N VAL B 116 19.58 -44.26 13.48
CA VAL B 116 20.83 -43.53 13.63
C VAL B 116 21.12 -42.65 12.44
N ASP B 117 21.26 -41.36 12.70
CA ASP B 117 21.66 -40.38 11.70
C ASP B 117 23.04 -39.87 12.06
N TRP B 118 23.94 -39.80 11.09
CA TRP B 118 25.29 -39.36 11.43
C TRP B 118 25.97 -38.64 10.28
N PHE B 119 26.95 -37.80 10.64
CA PHE B 119 27.73 -37.08 9.66
C PHE B 119 29.05 -36.59 10.23
N ALA B 120 29.97 -36.23 9.36
CA ALA B 120 31.24 -35.67 9.77
C ALA B 120 31.04 -34.28 10.33
N TYR B 121 31.71 -33.96 11.42
CA TYR B 121 31.64 -32.64 11.99
C TYR B 121 32.90 -32.40 12.80
N ARG B 122 33.04 -31.21 13.39
CA ARG B 122 34.20 -30.96 14.20
C ARG B 122 33.83 -30.90 15.66
N VAL B 123 34.63 -31.51 16.51
CA VAL B 123 34.34 -31.51 17.93
C VAL B 123 34.52 -30.12 18.50
N ALA B 124 35.42 -29.35 17.90
CA ALA B 124 35.67 -27.98 18.31
C ALA B 124 34.39 -27.15 18.20
N ASP B 125 33.51 -27.56 17.29
CA ASP B 125 32.29 -26.83 16.97
C ASP B 125 31.05 -27.50 17.54
N LYS B 126 31.22 -28.34 18.56
CA LYS B 126 30.10 -29.10 19.12
C LYS B 126 28.97 -28.23 19.66
N SER B 127 29.28 -26.97 19.96
CA SER B 127 28.28 -26.08 20.51
C SER B 127 27.13 -25.85 19.53
N ASP B 128 27.39 -26.12 18.24
CA ASP B 128 26.41 -25.92 17.18
C ASP B 128 25.44 -27.09 17.02
N LEU B 129 25.75 -28.22 17.65
CA LEU B 129 24.94 -29.41 17.53
C LEU B 129 23.80 -29.35 18.53
N LEU B 130 23.91 -28.43 19.46
CA LEU B 130 22.97 -28.31 20.57
C LEU B 130 21.66 -27.66 20.14
N PRO B 131 20.54 -28.03 20.77
CA PRO B 131 19.24 -27.40 20.66
C PRO B 131 19.34 -25.93 20.97
N GLY B 132 18.64 -25.12 20.19
CA GLY B 132 18.64 -23.67 20.42
C GLY B 132 19.71 -22.97 19.60
N SER B 133 20.58 -23.74 18.96
CA SER B 133 21.63 -23.15 18.13
C SER B 133 21.06 -22.40 16.94
N SER B 134 21.72 -21.29 16.60
CA SER B 134 21.35 -20.48 15.44
C SER B 134 22.42 -20.59 14.36
N SER B 135 23.27 -21.60 14.46
CA SER B 135 24.38 -21.79 13.54
C SER B 135 23.92 -22.25 12.16
N ASP B 136 24.84 -22.18 11.21
CA ASP B 136 24.56 -22.56 9.82
C ASP B 136 24.16 -24.03 9.70
N LEU B 137 24.76 -24.88 10.52
CA LEU B 137 24.49 -26.31 10.44
C LEU B 137 23.00 -26.61 10.42
N GLN B 138 22.27 -26.03 11.36
CA GLN B 138 20.85 -26.36 11.50
C GLN B 138 19.96 -25.49 10.63
N ARG B 139 20.56 -24.62 9.84
CA ARG B 139 19.77 -23.77 8.95
C ARG B 139 19.78 -24.33 7.54
N PHE B 140 20.95 -24.81 7.11
CA PHE B 140 21.11 -25.23 5.72
C PHE B 140 21.49 -26.70 5.54
N ASN B 141 21.92 -27.37 6.61
CA ASN B 141 22.46 -28.71 6.45
C ASN B 141 21.61 -29.79 7.12
N TYR B 142 21.52 -29.76 8.44
CA TYR B 142 20.82 -30.79 9.18
C TYR B 142 20.18 -30.28 10.45
N LYS B 143 18.91 -30.63 10.64
CA LYS B 143 18.23 -30.27 11.88
C LYS B 143 17.33 -31.43 12.34
N PRO B 144 17.44 -31.83 13.62
CA PRO B 144 16.65 -32.85 14.29
C PRO B 144 15.25 -32.34 14.59
N THR B 145 14.28 -33.27 14.70
CA THR B 145 12.92 -32.88 15.07
C THR B 145 12.68 -33.02 16.56
N TYR B 146 13.37 -33.97 17.18
CA TYR B 146 13.16 -34.31 18.58
C TYR B 146 11.71 -34.70 18.85
N ALA B 147 11.05 -35.28 17.84
CA ALA B 147 9.68 -35.77 18.02
C ALA B 147 9.69 -36.99 18.94
N HIS B 148 10.73 -37.78 18.81
CA HIS B 148 10.92 -38.99 19.61
C HIS B 148 12.14 -38.80 20.51
N PRO B 149 12.24 -39.55 21.61
CA PRO B 149 13.39 -39.58 22.49
C PRO B 149 14.67 -39.70 21.68
N THR B 150 15.58 -38.75 21.89
CA THR B 150 16.81 -38.67 21.10
C THR B 150 18.00 -38.30 21.99
N CYS B 151 19.19 -38.83 21.65
CA CYS B 151 20.45 -38.45 22.29
C CYS B 151 21.49 -38.00 21.26
N LEU B 152 22.28 -37.00 21.64
CA LEU B 152 23.34 -36.43 20.83
C LEU B 152 24.73 -36.86 21.29
N ILE B 153 25.50 -37.41 20.38
CA ILE B 153 26.87 -37.83 20.67
C ILE B 153 27.85 -37.11 19.74
N SER B 154 28.89 -36.53 20.31
CA SER B 154 29.96 -35.97 19.49
C SER B 154 31.29 -36.53 19.97
N ALA B 155 31.97 -37.23 19.06
CA ALA B 155 33.13 -38.03 19.43
C ALA B 155 34.07 -38.24 18.25
N TYR B 156 35.27 -38.75 18.51
CA TYR B 156 36.22 -39.01 17.43
C TYR B 156 36.91 -40.37 17.54
N THR B 157 37.37 -40.88 16.39
CA THR B 157 38.06 -42.17 16.34
C THR B 157 38.88 -42.31 15.06
N ASP B 158 39.82 -43.27 15.06
CA ASP B 158 40.52 -43.62 13.83
C ASP B 158 39.78 -44.72 13.10
N LEU B 159 39.10 -44.37 12.01
CA LEU B 159 38.23 -45.30 11.33
C LEU B 159 38.99 -46.24 10.41
N SER B 160 40.25 -45.93 10.12
CA SER B 160 40.98 -46.72 9.14
C SER B 160 41.19 -48.14 9.64
N ALA B 161 41.36 -48.26 10.96
CA ALA B 161 41.62 -49.55 11.58
C ALA B 161 40.33 -50.34 11.75
N LEU B 162 39.21 -49.71 11.42
CA LEU B 162 37.91 -50.35 11.56
C LEU B 162 37.29 -50.68 10.21
N GLY B 163 38.07 -50.50 9.14
CA GLY B 163 37.62 -50.83 7.79
C GLY B 163 37.05 -49.64 7.03
N GLY B 164 37.15 -48.45 7.62
CA GLY B 164 36.65 -47.23 6.98
C GLY B 164 37.78 -46.31 6.58
N SER B 165 37.49 -45.02 6.54
CA SER B 165 38.51 -44.03 6.19
C SER B 165 38.25 -42.71 6.91
N ASN B 166 39.32 -41.97 7.17
CA ASN B 166 39.19 -40.68 7.83
C ASN B 166 39.14 -39.57 6.78
N PRO B 167 38.33 -38.53 7.01
CA PRO B 167 38.22 -37.35 6.18
C PRO B 167 39.45 -36.47 6.30
N THR B 168 39.76 -35.74 5.24
CA THR B 168 40.88 -34.80 5.27
C THR B 168 40.45 -33.38 5.63
N ASN B 169 39.17 -33.06 5.42
CA ASN B 169 38.58 -31.77 5.79
C ASN B 169 37.07 -31.94 5.99
N TYR B 170 36.42 -30.89 6.52
CA TYR B 170 34.98 -30.90 6.79
C TYR B 170 34.28 -29.79 6.03
N THR B 171 33.18 -30.13 5.35
CA THR B 171 32.46 -29.15 4.54
C THR B 171 31.01 -29.00 4.96
N LEU B 172 30.53 -27.77 5.05
CA LEU B 172 29.13 -27.50 5.32
C LEU B 172 28.62 -26.37 4.45
N LEU B 173 27.32 -26.35 4.19
CA LEU B 173 26.72 -25.22 3.50
C LEU B 173 26.57 -24.05 4.45
N THR B 174 26.94 -22.86 4.01
CA THR B 174 26.79 -21.67 4.84
C THR B 174 25.67 -20.78 4.33
N ASN B 175 25.28 -21.00 3.08
CA ASN B 175 24.13 -20.29 2.51
C ASN B 175 23.58 -21.04 1.31
N CYS B 176 22.28 -20.84 1.05
CA CYS B 176 21.59 -21.33 -0.14
C CYS B 176 20.30 -20.56 -0.32
N TYR B 177 20.04 -20.08 -1.53
CA TYR B 177 18.89 -19.24 -1.83
C TYR B 177 18.43 -19.39 -3.27
N GLY B 178 17.16 -19.06 -3.52
CA GLY B 178 16.53 -19.28 -4.82
C GLY B 178 16.92 -18.23 -5.87
N CYS B 179 16.62 -18.59 -7.13
CA CYS B 179 16.86 -17.69 -8.29
C CYS B 179 15.62 -17.72 -9.20
N VAL B 180 15.33 -16.53 -9.77
CA VAL B 180 14.20 -16.41 -10.69
C VAL B 180 14.65 -16.12 -12.13
N GLY B 181 13.94 -16.71 -13.09
CA GLY B 181 14.24 -16.51 -14.50
C GLY B 181 15.26 -17.51 -15.03
N GLN B 182 15.37 -17.57 -16.35
CA GLN B 182 16.35 -18.44 -16.99
C GLN B 182 17.46 -17.59 -17.60
N PRO B 183 18.66 -18.13 -17.78
CA PRO B 183 19.79 -17.50 -18.44
C PRO B 183 19.38 -17.00 -19.81
N PRO B 184 19.90 -15.85 -20.23
CA PRO B 184 20.85 -14.96 -19.57
C PRO B 184 20.19 -13.94 -18.64
N LYS B 185 18.92 -14.18 -18.29
CA LYS B 185 18.16 -13.23 -17.49
C LYS B 185 17.91 -13.75 -16.08
N ARG B 186 18.72 -14.73 -15.67
CA ARG B 186 18.60 -15.32 -14.36
C ARG B 186 19.14 -14.40 -13.27
N THR B 187 18.30 -14.12 -12.29
CA THR B 187 18.67 -13.24 -11.18
C THR B 187 18.51 -13.97 -9.84
N CYS B 188 19.59 -14.01 -9.04
CA CYS B 188 19.58 -14.73 -7.77
C CYS B 188 19.41 -13.77 -6.59
N LEU B 189 18.50 -14.14 -5.69
CA LEU B 189 18.05 -13.27 -4.60
C LEU B 189 18.33 -13.86 -3.22
N GLU B 190 19.11 -13.17 -2.42
CA GLU B 190 19.51 -13.64 -1.10
C GLU B 190 18.33 -13.53 -0.13
N GLU B 191 17.30 -12.84 -0.57
CA GLU B 191 16.10 -12.62 0.21
C GLU B 191 15.17 -13.81 0.20
N PHE B 192 15.50 -14.82 -0.61
CA PHE B 192 14.71 -16.05 -0.67
C PHE B 192 15.53 -17.26 -0.26
N PRO B 193 15.86 -17.40 1.03
CA PRO B 193 16.72 -18.42 1.58
C PRO B 193 16.06 -19.79 1.50
N SER B 194 16.86 -20.82 1.35
CA SER B 194 16.35 -22.18 1.36
C SER B 194 16.82 -22.92 2.59
N PHE B 195 15.92 -23.08 3.55
CA PHE B 195 16.27 -23.69 4.81
C PHE B 195 15.96 -25.18 4.78
N VAL B 196 16.72 -25.96 5.52
CA VAL B 196 16.46 -27.38 5.62
C VAL B 196 15.33 -27.63 6.61
N GLU B 197 14.40 -28.51 6.25
CA GLU B 197 13.32 -28.85 7.15
C GLU B 197 13.81 -29.87 8.17
N ALA B 198 13.37 -29.73 9.41
CA ALA B 198 13.81 -30.66 10.44
C ALA B 198 13.40 -32.07 10.07
N GLY B 199 14.35 -33.00 10.16
CA GLY B 199 14.11 -34.40 9.84
C GLY B 199 14.30 -34.72 8.35
N TYR B 200 14.67 -33.72 7.55
CA TYR B 200 14.80 -33.89 6.11
C TYR B 200 16.19 -33.52 5.60
N ARG B 201 16.53 -34.04 4.42
CA ARG B 201 17.76 -33.65 3.74
C ARG B 201 17.53 -32.34 2.98
N PRO B 202 18.55 -31.50 2.80
CA PRO B 202 18.58 -30.32 1.94
C PRO B 202 18.25 -30.67 0.50
N LYS B 203 17.71 -29.70 -0.24
CA LYS B 203 17.31 -29.91 -1.63
C LYS B 203 18.50 -30.38 -2.47
N PRO B 204 18.28 -31.26 -3.46
CA PRO B 204 19.26 -31.80 -4.40
C PRO B 204 20.15 -30.71 -5.00
N SER B 205 19.57 -29.55 -5.31
CA SER B 205 20.34 -28.44 -5.84
C SER B 205 21.23 -27.73 -4.80
N CYS B 206 20.87 -27.82 -3.51
CA CYS B 206 21.71 -27.27 -2.43
C CYS B 206 22.81 -28.27 -2.10
N ALA B 207 22.45 -29.55 -2.14
CA ALA B 207 23.38 -30.63 -1.84
C ALA B 207 24.50 -30.66 -2.87
N ARG B 208 24.15 -30.37 -4.11
CA ARG B 208 25.10 -30.34 -5.21
C ARG B 208 26.21 -29.33 -4.94
N ILE B 209 25.85 -28.19 -4.36
CA ILE B 209 26.82 -27.14 -4.11
C ILE B 209 27.83 -27.59 -3.07
N GLY B 210 27.34 -28.22 -2.00
CA GLY B 210 28.20 -28.72 -0.94
C GLY B 210 29.20 -29.74 -1.49
N MET B 211 28.72 -30.64 -2.34
CA MET B 211 29.56 -31.69 -2.92
C MET B 211 30.67 -31.11 -3.78
N GLN B 212 30.33 -30.19 -4.66
CA GLN B 212 31.31 -29.57 -5.53
C GLN B 212 32.27 -28.72 -4.71
N GLY B 213 31.76 -28.07 -3.67
CA GLY B 213 32.58 -27.25 -2.79
C GLY B 213 33.62 -28.12 -2.10
N HIS B 214 33.17 -29.22 -1.52
CA HIS B 214 34.07 -30.13 -0.80
C HIS B 214 35.24 -30.54 -1.68
N ALA B 215 34.95 -30.91 -2.93
CA ALA B 215 35.95 -31.42 -3.85
C ALA B 215 36.63 -30.34 -4.70
N SER B 216 36.34 -29.06 -4.45
CA SER B 216 36.90 -28.00 -5.29
C SER B 216 38.31 -27.59 -4.85
N GLY B 217 38.64 -27.80 -3.58
CA GLY B 217 39.91 -27.32 -3.04
C GLY B 217 39.90 -25.81 -2.79
N ASN B 218 38.72 -25.26 -2.49
CA ASN B 218 38.47 -23.85 -2.27
C ASN B 218 37.80 -23.65 -0.91
N GLU B 219 38.42 -22.88 -0.02
CA GLU B 219 37.91 -22.67 1.34
C GLU B 219 36.51 -22.08 1.33
N THR B 220 36.25 -21.18 0.37
CA THR B 220 34.91 -20.65 0.17
C THR B 220 34.50 -20.87 -1.28
N TYR B 221 33.45 -21.66 -1.49
CA TYR B 221 33.02 -22.01 -2.84
C TYR B 221 31.61 -21.55 -3.13
N THR B 222 31.47 -20.74 -4.19
CA THR B 222 30.17 -20.20 -4.57
C THR B 222 29.76 -20.69 -5.95
N ALA B 223 28.52 -21.16 -6.08
CA ALA B 223 28.04 -21.67 -7.36
C ALA B 223 26.53 -21.58 -7.52
N VAL B 224 26.09 -21.60 -8.78
CA VAL B 224 24.67 -21.67 -9.12
C VAL B 224 24.41 -22.96 -9.88
N VAL B 225 23.55 -23.81 -9.33
CA VAL B 225 23.35 -25.12 -9.93
C VAL B 225 21.88 -25.48 -10.07
N THR B 226 21.63 -26.51 -10.85
CA THR B 226 20.32 -27.14 -10.95
C THR B 226 20.52 -28.65 -10.88
N ASN B 227 19.56 -29.36 -10.29
CA ASN B 227 19.72 -30.80 -10.14
C ASN B 227 18.42 -31.55 -10.36
N ASN B 228 18.00 -31.64 -11.61
CA ASN B 228 16.79 -32.36 -11.99
C ASN B 228 15.56 -31.86 -11.25
N GLU B 229 15.49 -30.55 -11.01
CA GLU B 229 14.33 -29.97 -10.36
C GLU B 229 13.58 -29.05 -11.33
N LEU B 230 12.38 -29.47 -11.72
CA LEU B 230 11.60 -28.70 -12.68
C LEU B 230 10.39 -28.06 -12.03
N ASP B 231 9.99 -26.90 -12.55
CA ASP B 231 8.81 -26.22 -12.06
C ASP B 231 7.55 -26.62 -12.84
N SER B 232 6.45 -25.91 -12.59
CA SER B 232 5.14 -26.25 -13.12
C SER B 232 5.03 -26.12 -14.65
N VAL B 233 5.99 -25.46 -15.28
CA VAL B 233 5.94 -25.29 -16.72
C VAL B 233 7.06 -26.06 -17.41
N GLY B 234 7.79 -26.86 -16.63
CA GLY B 234 8.87 -27.70 -17.17
C GLY B 234 10.22 -27.00 -17.22
N ASP B 235 10.35 -25.83 -16.60
CA ASP B 235 11.62 -25.13 -16.60
C ASP B 235 12.48 -25.57 -15.41
N PRO B 236 13.81 -25.57 -15.55
CA PRO B 236 14.79 -25.82 -14.51
C PRO B 236 14.66 -24.85 -13.34
N ILE B 237 14.80 -25.38 -12.14
CA ILE B 237 14.82 -24.57 -10.93
C ILE B 237 16.26 -24.39 -10.48
N TRP B 238 16.69 -23.14 -10.43
CA TRP B 238 18.07 -22.83 -10.10
C TRP B 238 18.21 -22.39 -8.64
N ARG B 239 19.32 -22.79 -8.03
CA ARG B 239 19.65 -22.32 -6.70
C ARG B 239 21.12 -21.96 -6.57
N MET B 240 21.38 -20.92 -5.80
CA MET B 240 22.72 -20.43 -5.56
C MET B 240 23.07 -20.59 -4.09
N GLY B 241 24.33 -20.89 -3.82
CA GLY B 241 24.73 -21.04 -2.43
C GLY B 241 26.23 -21.08 -2.25
N VAL B 242 26.63 -21.16 -0.99
CA VAL B 242 28.04 -21.12 -0.61
C VAL B 242 28.39 -22.28 0.31
N ALA B 243 29.49 -22.95 0.00
CA ALA B 243 30.00 -24.02 0.84
C ALA B 243 31.32 -23.60 1.49
N GLN B 244 31.52 -23.99 2.73
CA GLN B 244 32.75 -23.68 3.43
C GLN B 244 33.51 -24.93 3.87
N THR B 245 34.81 -24.95 3.61
CA THR B 245 35.64 -26.07 4.00
C THR B 245 36.56 -25.69 5.17
N LYS B 246 36.60 -26.53 6.19
CA LYS B 246 37.44 -26.30 7.36
C LYS B 246 38.41 -27.45 7.61
N GLU B 247 39.55 -27.14 8.23
CA GLU B 247 40.54 -28.15 8.60
C GLU B 247 40.04 -28.97 9.80
N PRO B 248 40.56 -30.19 10.01
CA PRO B 248 40.36 -31.03 11.18
C PRO B 248 40.87 -30.34 12.44
N SER B 249 40.26 -30.65 13.58
CA SER B 249 40.70 -30.11 14.86
C SER B 249 41.55 -31.12 15.62
N VAL B 250 41.27 -32.40 15.39
CA VAL B 250 41.98 -33.49 16.04
C VAL B 250 42.90 -34.15 15.05
N THR B 251 44.18 -34.27 15.40
CA THR B 251 45.16 -34.83 14.48
C THR B 251 44.93 -36.32 14.24
N ASP B 252 44.90 -36.70 12.97
CA ASP B 252 44.79 -38.09 12.54
C ASP B 252 43.58 -38.82 13.14
N LYS B 253 42.45 -38.15 13.24
CA LYS B 253 41.22 -38.77 13.73
C LYS B 253 40.01 -38.29 12.93
N ALA B 254 39.01 -39.15 12.84
CA ALA B 254 37.74 -38.77 12.26
C ALA B 254 36.84 -38.21 13.33
N GLU B 255 36.33 -37.01 13.11
CA GLU B 255 35.44 -36.35 14.06
C GLU B 255 34.00 -36.48 13.58
N LEU B 256 33.14 -37.12 14.36
CA LEU B 256 31.79 -37.42 13.91
C LEU B 256 30.71 -36.95 14.89
N ALA B 257 29.55 -36.63 14.34
CA ALA B 257 28.37 -36.32 15.14
C ALA B 257 27.27 -37.36 14.90
N PHE B 258 26.65 -37.83 15.96
CA PHE B 258 25.58 -38.81 15.84
C PHE B 258 24.30 -38.35 16.53
N PHE B 259 23.18 -38.57 15.85
CA PHE B 259 21.87 -38.33 16.43
C PHE B 259 21.11 -39.64 16.50
N VAL B 260 20.91 -40.13 17.72
CA VAL B 260 20.34 -41.45 17.90
C VAL B 260 18.96 -41.37 18.54
N SER B 261 17.96 -41.91 17.86
CA SER B 261 16.58 -41.80 18.33
C SER B 261 15.89 -43.16 18.31
#